data_6CLU
#
_entry.id   6CLU
#
_cell.length_a   76.636
_cell.length_b   76.636
_cell.length_c   176.226
_cell.angle_alpha   90.000
_cell.angle_beta   90.000
_cell.angle_gamma   90.000
#
_symmetry.space_group_name_H-M   'P 43'
#
loop_
_entity.id
_entity.type
_entity.pdbx_description
1 polymer 'Dihydropteroate synthase'
2 water water
#
_entity_poly.entity_id   1
_entity_poly.type   'polypeptide(L)'
_entity_poly.pdbx_seq_one_letter_code
;MGHHHHHHHHHHSSGHIEGRHMLEMTKTKIMGILNVTPDSLSDGGKFNNVESAVTRVKAMMDEGADIIDVGGVSTRPGHE
MITVEEELNRVLPVVEAIVGFDVKISVDTFRSEVAEACLKLGVDIINDQWAGLYDHRMFQVVAKYDAEIVLMHNGNGNRD
EPVVEEMLTSLLAQAHQAKIAGIPSNKIWLDPGIGFAKTRNEEAEVMARLDELVATEYPVLLATSRKRFTKKMMGYDTTP
VERDEVTAATTAYGIMKGVRAVRVHNVELNAKLAKGIDFLKENENARHNFS
;
_entity_poly.pdbx_strand_id   A,B,C,D
#
# COMPACT_ATOMS: atom_id res chain seq x y z
N THR A 26 -12.90 -8.97 -3.13
CA THR A 26 -12.33 -8.89 -1.79
C THR A 26 -10.90 -9.43 -1.81
N LYS A 27 -10.20 -9.32 -0.69
CA LYS A 27 -8.79 -9.68 -0.63
C LYS A 27 -8.62 -11.17 -0.34
N THR A 28 -7.60 -11.77 -0.97
CA THR A 28 -7.25 -13.15 -0.67
C THR A 28 -6.60 -13.23 0.70
N LYS A 29 -7.17 -14.03 1.59
CA LYS A 29 -6.66 -14.13 2.94
C LYS A 29 -5.38 -14.96 2.99
N ILE A 30 -4.41 -14.50 3.77
CA ILE A 30 -3.14 -15.18 3.92
C ILE A 30 -3.13 -15.84 5.29
N MET A 31 -3.22 -17.17 5.32
CA MET A 31 -3.23 -17.94 6.55
C MET A 31 -1.81 -18.42 6.86
N GLY A 32 -1.24 -17.89 7.93
CA GLY A 32 0.10 -18.29 8.35
C GLY A 32 0.05 -19.53 9.23
N ILE A 33 1.06 -20.39 9.05
CA ILE A 33 1.15 -21.63 9.79
C ILE A 33 1.99 -21.40 11.04
N LEU A 34 1.43 -21.70 12.20
CA LEU A 34 2.12 -21.60 13.48
C LEU A 34 2.13 -22.99 14.11
N ASN A 35 3.26 -23.69 13.99
CA ASN A 35 3.40 -25.02 14.56
C ASN A 35 3.94 -24.92 15.98
N VAL A 36 3.29 -25.63 16.90
CA VAL A 36 3.77 -25.72 18.27
C VAL A 36 4.72 -26.89 18.49
N THR A 37 4.88 -27.75 17.49
CA THR A 37 5.80 -28.87 17.52
C THR A 37 6.61 -28.89 16.22
N PRO A 38 7.84 -29.40 16.27
CA PRO A 38 8.64 -29.49 15.04
C PRO A 38 8.14 -30.61 14.14
N ASP A 39 7.95 -30.28 12.86
CA ASP A 39 7.62 -31.25 11.83
C ASP A 39 8.60 -31.09 10.69
N SER A 40 8.42 -31.92 9.65
CA SER A 40 9.39 -31.95 8.55
C SER A 40 9.34 -30.71 7.68
N LEU A 41 8.26 -29.94 7.72
CA LEU A 41 8.10 -28.76 6.89
C LEU A 41 8.15 -27.47 7.69
N SER A 42 8.83 -27.48 8.84
CA SER A 42 8.69 -26.41 9.82
C SER A 42 9.86 -25.44 9.85
N ASP A 43 10.97 -25.75 9.20
CA ASP A 43 12.16 -24.91 9.16
C ASP A 43 12.77 -24.74 10.56
N GLY A 44 13.24 -23.53 10.86
CA GLY A 44 13.92 -23.23 12.11
C GLY A 44 13.14 -23.58 13.36
N GLY A 45 13.80 -24.23 14.32
CA GLY A 45 13.12 -24.81 15.46
C GLY A 45 13.36 -24.16 16.81
N LYS A 46 12.42 -23.33 17.24
CA LYS A 46 12.33 -22.82 18.59
C LYS A 46 10.93 -23.07 19.12
N PHE A 47 10.45 -24.30 18.96
CA PHE A 47 9.04 -24.60 19.06
C PHE A 47 8.60 -24.80 20.51
N ASN A 48 7.29 -24.72 20.71
CA ASN A 48 6.65 -24.91 22.02
C ASN A 48 7.14 -23.90 23.06
N ASN A 49 7.41 -22.68 22.64
CA ASN A 49 7.70 -21.57 23.53
C ASN A 49 6.67 -20.48 23.27
N VAL A 50 5.93 -20.12 24.32
CA VAL A 50 4.83 -19.18 24.15
C VAL A 50 5.36 -17.79 23.80
N GLU A 51 6.42 -17.34 24.47
CA GLU A 51 6.99 -16.04 24.17
C GLU A 51 7.53 -15.99 22.74
N SER A 52 8.12 -17.10 22.27
CA SER A 52 8.59 -17.15 20.89
C SER A 52 7.42 -17.22 19.92
N ALA A 53 6.33 -17.88 20.30
CA ALA A 53 5.17 -17.95 19.43
C ALA A 53 4.54 -16.57 19.26
N VAL A 54 4.45 -15.80 20.33
CA VAL A 54 3.91 -14.44 20.24
C VAL A 54 4.80 -13.58 19.34
N THR A 55 6.12 -13.75 19.46
CA THR A 55 7.03 -13.01 18.60
C THR A 55 6.88 -13.44 17.14
N ARG A 56 6.67 -14.74 16.91
CA ARG A 56 6.46 -15.22 15.55
C ARG A 56 5.13 -14.76 14.99
N VAL A 57 4.09 -14.72 15.84
CA VAL A 57 2.78 -14.23 15.38
C VAL A 57 2.88 -12.76 14.99
N LYS A 58 3.59 -11.96 15.79
CA LYS A 58 3.76 -10.55 15.45
C LYS A 58 4.54 -10.40 14.15
N ALA A 59 5.51 -11.28 13.91
CA ALA A 59 6.26 -11.22 12.66
C ALA A 59 5.39 -11.61 11.47
N MET A 60 4.53 -12.62 11.64
CA MET A 60 3.63 -13.01 10.56
C MET A 60 2.64 -11.91 10.23
N MET A 61 2.15 -11.20 11.25
CA MET A 61 1.24 -10.08 10.99
CA MET A 61 1.24 -10.08 10.99
C MET A 61 1.94 -8.98 10.19
N ASP A 62 3.22 -8.76 10.47
CA ASP A 62 3.97 -7.74 9.73
C ASP A 62 4.24 -8.18 8.30
N GLU A 63 4.30 -9.48 8.04
CA GLU A 63 4.52 -10.00 6.70
C GLU A 63 3.25 -10.06 5.87
N GLY A 64 2.09 -9.79 6.46
CA GLY A 64 0.84 -9.78 5.75
C GLY A 64 -0.13 -10.92 6.04
N ALA A 65 0.00 -11.58 7.19
CA ALA A 65 -0.88 -12.71 7.50
C ALA A 65 -2.22 -12.21 8.03
N ASP A 66 -3.30 -12.65 7.39
CA ASP A 66 -4.64 -12.34 7.87
C ASP A 66 -5.15 -13.35 8.89
N ILE A 67 -4.63 -14.58 8.86
CA ILE A 67 -5.06 -15.65 9.74
C ILE A 67 -3.82 -16.37 10.27
N ILE A 68 -3.85 -16.70 11.57
CA ILE A 68 -2.81 -17.51 12.19
C ILE A 68 -3.39 -18.89 12.45
N ASP A 69 -2.78 -19.90 11.83
CA ASP A 69 -3.27 -21.28 11.93
C ASP A 69 -2.39 -22.04 12.92
N VAL A 70 -2.92 -22.30 14.11
CA VAL A 70 -2.19 -23.05 15.14
C VAL A 70 -2.27 -24.53 14.80
N GLY A 71 -1.11 -25.18 14.71
CA GLY A 71 -1.08 -26.60 14.44
C GLY A 71 -1.69 -27.41 15.56
N GLY A 72 -2.29 -28.53 15.20
CA GLY A 72 -2.95 -29.38 16.16
C GLY A 72 -2.58 -30.85 16.03
N VAL A 73 -3.40 -31.73 16.63
CA VAL A 73 -3.14 -33.15 16.57
C VAL A 73 -3.36 -33.66 15.17
N SER A 74 -2.65 -34.72 14.80
CA SER A 74 -2.77 -35.33 13.48
C SER A 74 -3.85 -36.40 13.45
N MET A 81 -3.70 -40.15 19.54
CA MET A 81 -4.97 -40.52 20.15
C MET A 81 -5.05 -40.04 21.60
N ILE A 82 -4.56 -38.82 21.83
CA ILE A 82 -4.56 -38.24 23.17
C ILE A 82 -5.97 -37.83 23.58
N THR A 83 -6.16 -37.54 24.87
CA THR A 83 -7.47 -37.18 25.37
C THR A 83 -7.81 -35.74 25.01
N VAL A 84 -9.04 -35.34 25.33
CA VAL A 84 -9.47 -33.97 25.08
C VAL A 84 -8.71 -33.00 25.98
N GLU A 85 -8.56 -33.35 27.26
CA GLU A 85 -7.82 -32.50 28.18
C GLU A 85 -6.37 -32.35 27.75
N GLU A 86 -5.79 -33.42 27.20
CA GLU A 86 -4.40 -33.34 26.75
C GLU A 86 -4.26 -32.46 25.52
N GLU A 87 -5.24 -32.51 24.61
CA GLU A 87 -5.18 -31.68 23.42
C GLU A 87 -5.39 -30.20 23.76
N LEU A 88 -6.23 -29.92 24.75
CA LEU A 88 -6.40 -28.54 25.21
C LEU A 88 -5.11 -28.02 25.84
N ASN A 89 -4.42 -28.86 26.60
CA ASN A 89 -3.15 -28.45 27.20
C ASN A 89 -2.12 -28.11 26.14
N ARG A 90 -2.26 -28.66 24.93
CA ARG A 90 -1.31 -28.36 23.87
C ARG A 90 -1.52 -26.95 23.32
N VAL A 91 -2.78 -26.57 23.09
CA VAL A 91 -3.09 -25.40 22.29
C VAL A 91 -3.44 -24.18 23.14
N LEU A 92 -4.08 -24.41 24.28
CA LEU A 92 -4.59 -23.29 25.08
C LEU A 92 -3.53 -22.29 25.53
N PRO A 93 -2.31 -22.69 25.94
CA PRO A 93 -1.32 -21.65 26.29
C PRO A 93 -1.02 -20.68 25.17
N VAL A 94 -0.81 -21.19 23.94
CA VAL A 94 -0.50 -20.31 22.82
C VAL A 94 -1.74 -19.51 22.41
N VAL A 95 -2.92 -20.13 22.49
CA VAL A 95 -4.15 -19.48 22.03
C VAL A 95 -4.44 -18.25 22.89
N GLU A 96 -4.33 -18.39 24.22
CA GLU A 96 -4.64 -17.27 25.10
C GLU A 96 -3.70 -16.10 24.89
N ALA A 97 -2.46 -16.37 24.46
CA ALA A 97 -1.47 -15.32 24.32
C ALA A 97 -1.58 -14.56 23.00
N ILE A 98 -2.20 -15.16 21.98
CA ILE A 98 -2.27 -14.53 20.66
C ILE A 98 -3.68 -14.17 20.23
N VAL A 99 -4.70 -14.52 21.03
CA VAL A 99 -6.07 -14.29 20.60
C VAL A 99 -6.44 -12.82 20.61
N GLY A 100 -5.73 -12.00 21.40
CA GLY A 100 -6.05 -10.59 21.48
C GLY A 100 -5.52 -9.74 20.35
N PHE A 101 -4.65 -10.28 19.50
CA PHE A 101 -4.04 -9.52 18.43
C PHE A 101 -5.06 -9.23 17.33
N ASP A 102 -4.66 -8.33 16.42
CA ASP A 102 -5.52 -7.96 15.28
C ASP A 102 -5.28 -8.91 14.11
N VAL A 103 -5.53 -10.19 14.38
CA VAL A 103 -5.40 -11.24 13.38
C VAL A 103 -6.31 -12.38 13.78
N LYS A 104 -6.97 -12.98 12.80
CA LYS A 104 -7.86 -14.10 13.06
C LYS A 104 -7.05 -15.33 13.47
N ILE A 105 -7.53 -16.03 14.49
CA ILE A 105 -6.86 -17.21 15.03
C ILE A 105 -7.61 -18.45 14.53
N SER A 106 -6.88 -19.36 13.90
CA SER A 106 -7.44 -20.62 13.42
C SER A 106 -6.75 -21.76 14.16
N VAL A 107 -7.55 -22.69 14.68
CA VAL A 107 -7.05 -23.81 15.47
C VAL A 107 -7.37 -25.10 14.72
N ASP A 108 -6.37 -25.96 14.58
CA ASP A 108 -6.53 -27.26 13.91
C ASP A 108 -7.03 -28.27 14.94
N THR A 109 -8.33 -28.54 14.92
CA THR A 109 -8.91 -29.55 15.79
C THR A 109 -10.18 -30.09 15.14
N PHE A 110 -10.43 -31.38 15.36
CA PHE A 110 -11.59 -32.06 14.78
C PHE A 110 -12.51 -32.65 15.84
N ARG A 111 -12.36 -32.23 17.10
CA ARG A 111 -13.21 -32.66 18.19
C ARG A 111 -13.85 -31.44 18.83
N SER A 112 -15.17 -31.47 18.96
CA SER A 112 -15.92 -30.27 19.34
C SER A 112 -15.59 -29.80 20.74
N GLU A 113 -15.20 -30.71 21.64
CA GLU A 113 -14.86 -30.31 23.00
C GLU A 113 -13.65 -29.38 23.00
N VAL A 114 -12.67 -29.65 22.12
CA VAL A 114 -11.50 -28.78 22.05
C VAL A 114 -11.86 -27.47 21.36
N ALA A 115 -12.69 -27.54 20.31
CA ALA A 115 -13.04 -26.33 19.57
C ALA A 115 -13.84 -25.35 20.42
N GLU A 116 -14.77 -25.87 21.23
CA GLU A 116 -15.60 -24.98 22.04
C GLU A 116 -14.78 -24.21 23.05
N ALA A 117 -13.83 -24.88 23.71
CA ALA A 117 -12.97 -24.20 24.67
C ALA A 117 -12.12 -23.14 23.99
N CYS A 118 -11.72 -23.37 22.75
CA CYS A 118 -10.96 -22.36 22.01
C CYS A 118 -11.86 -21.22 21.58
N LEU A 119 -13.09 -21.52 21.16
CA LEU A 119 -14.02 -20.47 20.74
C LEU A 119 -14.41 -19.56 21.89
N LYS A 120 -14.43 -20.09 23.12
CA LYS A 120 -14.73 -19.26 24.28
C LYS A 120 -13.64 -18.21 24.50
N LEU A 121 -12.41 -18.51 24.12
CA LEU A 121 -11.31 -17.57 24.27
C LEU A 121 -11.29 -16.50 23.20
N GLY A 122 -12.03 -16.69 22.12
CA GLY A 122 -12.13 -15.68 21.08
C GLY A 122 -11.54 -16.05 19.73
N VAL A 123 -11.19 -17.31 19.50
CA VAL A 123 -10.67 -17.70 18.20
C VAL A 123 -11.78 -17.57 17.15
N ASP A 124 -11.37 -17.30 15.92
CA ASP A 124 -12.31 -16.97 14.85
C ASP A 124 -12.62 -18.14 13.94
N ILE A 125 -11.68 -19.06 13.75
CA ILE A 125 -11.81 -20.13 12.77
C ILE A 125 -11.43 -21.46 13.43
N ILE A 126 -12.17 -22.51 13.09
CA ILE A 126 -11.86 -23.87 13.50
C ILE A 126 -11.53 -24.66 12.24
N ASN A 127 -10.29 -25.12 12.14
CA ASN A 127 -9.81 -25.86 10.97
C ASN A 127 -10.01 -27.35 11.24
N ASP A 128 -11.14 -27.89 10.77
CA ASP A 128 -11.46 -29.30 10.95
C ASP A 128 -10.90 -30.08 9.77
N GLN A 129 -9.83 -30.84 10.01
CA GLN A 129 -9.20 -31.63 8.97
C GLN A 129 -9.96 -32.91 8.64
N TRP A 130 -11.05 -33.19 9.33
CA TRP A 130 -11.93 -34.31 8.99
C TRP A 130 -13.27 -33.83 8.42
N ALA A 131 -13.42 -32.52 8.20
CA ALA A 131 -14.65 -31.94 7.65
C ALA A 131 -15.87 -32.28 8.50
N GLY A 132 -15.69 -32.43 9.81
CA GLY A 132 -16.76 -32.77 10.70
C GLY A 132 -17.15 -34.23 10.72
N LEU A 133 -16.41 -35.10 10.02
CA LEU A 133 -16.76 -36.52 9.99
C LEU A 133 -16.40 -37.24 11.29
N TYR A 134 -15.42 -36.73 12.04
CA TYR A 134 -15.04 -37.36 13.29
C TYR A 134 -16.02 -37.00 14.42
N ASP A 135 -16.46 -35.75 14.46
CA ASP A 135 -17.37 -35.28 15.51
C ASP A 135 -18.40 -34.37 14.84
N HIS A 136 -19.61 -34.88 14.65
CA HIS A 136 -20.66 -34.11 14.01
C HIS A 136 -21.10 -32.92 14.86
N ARG A 137 -20.85 -32.96 16.17
CA ARG A 137 -21.16 -31.83 17.04
C ARG A 137 -20.33 -30.60 16.73
N MET A 138 -19.32 -30.72 15.86
CA MET A 138 -18.49 -29.57 15.51
C MET A 138 -19.31 -28.46 14.86
N PHE A 139 -20.30 -28.84 14.05
CA PHE A 139 -21.07 -27.83 13.33
C PHE A 139 -21.89 -26.97 14.27
N GLN A 140 -22.59 -27.60 15.22
CA GLN A 140 -23.41 -26.86 16.16
C GLN A 140 -22.56 -26.05 17.13
N VAL A 141 -21.31 -26.44 17.35
CA VAL A 141 -20.43 -25.70 18.26
C VAL A 141 -19.89 -24.45 17.57
N VAL A 142 -19.46 -24.60 16.32
CA VAL A 142 -18.90 -23.46 15.59
C VAL A 142 -20.00 -22.42 15.31
N ALA A 143 -21.19 -22.89 14.93
CA ALA A 143 -22.32 -21.99 14.78
C ALA A 143 -22.73 -21.35 16.10
N LYS A 144 -22.51 -22.04 17.22
CA LYS A 144 -22.89 -21.51 18.51
C LYS A 144 -22.10 -20.27 18.86
N TYR A 145 -20.91 -20.10 18.27
CA TYR A 145 -20.06 -18.95 18.55
C TYR A 145 -19.90 -18.02 17.35
N ASP A 146 -20.73 -18.18 16.32
CA ASP A 146 -20.72 -17.30 15.14
C ASP A 146 -19.33 -17.24 14.52
N ALA A 147 -18.69 -18.40 14.40
CA ALA A 147 -17.33 -18.50 13.90
C ALA A 147 -17.32 -19.17 12.53
N GLU A 148 -16.12 -19.29 11.97
CA GLU A 148 -15.91 -19.92 10.68
C GLU A 148 -15.34 -21.32 10.88
N ILE A 149 -15.52 -22.16 9.86
CA ILE A 149 -15.04 -23.53 9.89
C ILE A 149 -14.40 -23.87 8.55
N VAL A 150 -13.30 -24.61 8.59
CA VAL A 150 -12.61 -25.09 7.39
C VAL A 150 -12.83 -26.58 7.29
N LEU A 151 -13.36 -27.03 6.16
CA LEU A 151 -13.65 -28.44 5.91
C LEU A 151 -12.62 -28.96 4.92
N MET A 152 -11.75 -29.85 5.40
CA MET A 152 -10.67 -30.39 4.58
C MET A 152 -11.03 -31.80 4.11
N HIS A 153 -10.78 -32.07 2.83
CA HIS A 153 -10.99 -33.40 2.29
C HIS A 153 -9.91 -34.34 2.81
N ASN A 154 -10.34 -35.44 3.43
CA ASN A 154 -9.43 -36.36 4.09
C ASN A 154 -9.93 -37.79 3.87
N GLY A 155 -9.20 -38.74 4.41
CA GLY A 155 -9.54 -40.15 4.28
C GLY A 155 -8.30 -41.01 4.31
N ASN A 156 -8.51 -42.31 4.14
CA ASN A 156 -7.42 -43.27 4.10
C ASN A 156 -6.89 -43.52 2.69
N GLY A 157 -7.41 -42.81 1.70
CA GLY A 157 -7.00 -42.99 0.32
C GLY A 157 -7.93 -43.85 -0.51
N ASN A 158 -8.83 -44.59 0.13
CA ASN A 158 -9.75 -45.46 -0.59
C ASN A 158 -10.96 -44.67 -1.07
N ARG A 159 -11.42 -44.99 -2.28
CA ARG A 159 -12.60 -44.37 -2.85
C ARG A 159 -13.08 -45.20 -4.03
N ASP A 160 -14.39 -45.19 -4.26
CA ASP A 160 -15.00 -45.93 -5.35
C ASP A 160 -15.27 -45.05 -6.57
N GLU A 161 -14.99 -43.77 -6.49
CA GLU A 161 -15.21 -42.81 -7.56
C GLU A 161 -13.93 -42.02 -7.79
N PRO A 162 -13.82 -41.32 -8.92
CA PRO A 162 -12.65 -40.45 -9.13
C PRO A 162 -12.50 -39.43 -8.00
N VAL A 163 -11.27 -38.94 -7.85
CA VAL A 163 -10.92 -38.14 -6.67
C VAL A 163 -11.70 -36.82 -6.66
N VAL A 164 -11.82 -36.18 -7.83
CA VAL A 164 -12.48 -34.87 -7.88
C VAL A 164 -13.96 -35.00 -7.53
N GLU A 165 -14.63 -36.00 -8.11
CA GLU A 165 -16.04 -36.20 -7.80
C GLU A 165 -16.23 -36.66 -6.36
N GLU A 166 -15.33 -37.50 -5.85
CA GLU A 166 -15.43 -37.95 -4.47
C GLU A 166 -15.13 -36.82 -3.50
N MET A 167 -14.19 -35.94 -3.85
CA MET A 167 -13.89 -34.80 -2.98
C MET A 167 -15.06 -33.83 -2.93
N LEU A 168 -15.64 -33.51 -4.10
CA LEU A 168 -16.78 -32.62 -4.13
C LEU A 168 -17.97 -33.21 -3.39
N THR A 169 -18.24 -34.50 -3.62
CA THR A 169 -19.36 -35.16 -2.97
C THR A 169 -19.22 -35.12 -1.45
N SER A 170 -18.00 -35.33 -0.94
CA SER A 170 -17.79 -35.32 0.50
C SER A 170 -17.88 -33.90 1.07
N LEU A 171 -17.24 -32.94 0.39
CA LEU A 171 -17.20 -31.58 0.92
C LEU A 171 -18.56 -30.90 0.82
N LEU A 172 -19.29 -31.13 -0.28
CA LEU A 172 -20.61 -30.52 -0.44
C LEU A 172 -21.57 -31.01 0.64
N ALA A 173 -21.50 -32.29 0.99
CA ALA A 173 -22.36 -32.83 2.04
C ALA A 173 -22.01 -32.25 3.40
N GLN A 174 -20.71 -32.12 3.69
CA GLN A 174 -20.29 -31.58 4.98
C GLN A 174 -20.52 -30.07 5.03
N ALA A 175 -20.37 -29.37 3.90
CA ALA A 175 -20.65 -27.94 3.87
C ALA A 175 -22.12 -27.66 4.12
N HIS A 176 -23.00 -28.58 3.70
CA HIS A 176 -24.42 -28.40 3.97
C HIS A 176 -24.74 -28.67 5.45
N GLN A 177 -23.98 -29.55 6.09
CA GLN A 177 -24.22 -29.83 7.50
C GLN A 177 -23.93 -28.60 8.36
N ALA A 178 -22.86 -27.87 8.04
CA ALA A 178 -22.62 -26.59 8.69
C ALA A 178 -23.70 -25.58 8.32
N LYS A 179 -24.22 -25.66 7.09
CA LYS A 179 -25.29 -24.77 6.67
C LYS A 179 -26.58 -25.05 7.43
N ILE A 180 -26.85 -26.32 7.72
CA ILE A 180 -28.01 -26.69 8.52
C ILE A 180 -27.86 -26.16 9.95
N ALA A 181 -26.64 -26.20 10.49
CA ALA A 181 -26.39 -25.71 11.84
C ALA A 181 -26.51 -24.20 11.95
N GLY A 182 -26.54 -23.47 10.83
CA GLY A 182 -26.71 -22.04 10.85
C GLY A 182 -25.50 -21.22 10.46
N ILE A 183 -24.46 -21.85 9.92
CA ILE A 183 -23.26 -21.12 9.49
C ILE A 183 -23.46 -20.58 8.09
N PRO A 184 -23.19 -19.30 7.84
CA PRO A 184 -23.32 -18.77 6.49
C PRO A 184 -22.33 -19.41 5.53
N SER A 185 -22.70 -19.40 4.25
CA SER A 185 -21.88 -20.05 3.23
C SER A 185 -20.51 -19.38 3.09
N ASN A 186 -20.45 -18.05 3.26
CA ASN A 186 -19.17 -17.35 3.15
C ASN A 186 -18.27 -17.60 4.35
N LYS A 187 -18.74 -18.31 5.38
CA LYS A 187 -17.91 -18.70 6.51
C LYS A 187 -17.59 -20.19 6.51
N ILE A 188 -18.00 -20.93 5.48
CA ILE A 188 -17.74 -22.36 5.37
C ILE A 188 -16.62 -22.51 4.33
N TRP A 189 -15.40 -22.76 4.81
CA TRP A 189 -14.25 -22.89 3.94
C TRP A 189 -14.05 -24.35 3.51
N LEU A 190 -13.67 -24.54 2.26
CA LEU A 190 -13.42 -25.86 1.69
C LEU A 190 -11.95 -25.98 1.35
N ASP A 191 -11.29 -26.99 1.92
CA ASP A 191 -9.89 -27.28 1.65
C ASP A 191 -9.80 -28.58 0.88
N PRO A 192 -9.24 -28.57 -0.34
CA PRO A 192 -9.12 -29.83 -1.10
C PRO A 192 -8.28 -30.89 -0.41
N GLY A 193 -7.47 -30.51 0.58
CA GLY A 193 -6.71 -31.49 1.33
C GLY A 193 -5.55 -32.09 0.57
N ILE A 194 -4.75 -31.24 -0.07
CA ILE A 194 -3.54 -31.71 -0.74
C ILE A 194 -2.61 -32.31 0.31
N GLY A 195 -2.12 -33.52 0.05
CA GLY A 195 -1.33 -34.25 1.01
C GLY A 195 -2.10 -35.18 1.90
N PHE A 196 -3.40 -35.37 1.66
CA PHE A 196 -4.25 -36.22 2.48
C PHE A 196 -5.12 -37.08 1.57
N ALA A 197 -5.04 -38.41 1.74
CA ALA A 197 -5.91 -39.37 1.07
C ALA A 197 -5.81 -39.29 -0.44
N LYS A 198 -4.67 -38.83 -0.96
CA LYS A 198 -4.48 -38.69 -2.39
C LYS A 198 -3.06 -39.11 -2.77
N THR A 199 -2.94 -39.79 -3.90
CA THR A 199 -1.64 -40.01 -4.51
C THR A 199 -1.17 -38.72 -5.18
N ARG A 200 0.10 -38.70 -5.57
CA ARG A 200 0.65 -37.54 -6.25
C ARG A 200 -0.08 -37.28 -7.56
N ASN A 201 -0.54 -38.34 -8.23
CA ASN A 201 -1.30 -38.16 -9.46
C ASN A 201 -2.70 -37.64 -9.19
N GLU A 202 -3.31 -38.09 -8.09
CA GLU A 202 -4.64 -37.60 -7.72
C GLU A 202 -4.59 -36.13 -7.33
N GLU A 203 -3.52 -35.70 -6.65
CA GLU A 203 -3.37 -34.30 -6.31
C GLU A 203 -3.24 -33.45 -7.56
N ALA A 204 -2.55 -33.95 -8.59
CA ALA A 204 -2.45 -33.23 -9.84
C ALA A 204 -3.81 -33.11 -10.54
N GLU A 205 -4.66 -34.12 -10.38
CA GLU A 205 -6.00 -34.05 -10.95
C GLU A 205 -6.83 -32.99 -10.23
N VAL A 206 -6.67 -32.87 -8.91
CA VAL A 206 -7.41 -31.86 -8.15
C VAL A 206 -6.89 -30.47 -8.49
N MET A 207 -5.56 -30.32 -8.57
CA MET A 207 -4.99 -29.01 -8.87
C MET A 207 -5.31 -28.57 -10.30
N ALA A 208 -5.54 -29.52 -11.20
CA ALA A 208 -5.90 -29.17 -12.57
C ALA A 208 -7.36 -28.76 -12.71
N ARG A 209 -8.19 -29.08 -11.73
CA ARG A 209 -9.63 -28.81 -11.78
C ARG A 209 -10.08 -28.06 -10.54
N LEU A 210 -9.29 -27.05 -10.12
CA LEU A 210 -9.68 -26.23 -8.98
C LEU A 210 -10.92 -25.39 -9.26
N ASP A 211 -11.21 -25.11 -10.54
CA ASP A 211 -12.39 -24.32 -10.87
C ASP A 211 -13.67 -25.03 -10.47
N GLU A 212 -13.66 -26.37 -10.46
CA GLU A 212 -14.86 -27.11 -10.08
C GLU A 212 -15.13 -27.02 -8.59
N LEU A 213 -14.07 -26.92 -7.77
CA LEU A 213 -14.26 -26.74 -6.33
C LEU A 213 -14.64 -25.31 -6.00
N VAL A 214 -14.04 -24.34 -6.71
CA VAL A 214 -14.45 -22.96 -6.58
C VAL A 214 -15.90 -22.76 -7.04
N ALA A 215 -16.35 -23.59 -7.99
CA ALA A 215 -17.72 -23.45 -8.48
C ALA A 215 -18.77 -23.78 -7.41
N THR A 216 -18.35 -24.39 -6.29
CA THR A 216 -19.27 -24.67 -5.21
C THR A 216 -19.77 -23.41 -4.51
N GLU A 217 -19.19 -22.25 -4.84
CA GLU A 217 -19.49 -20.94 -4.25
C GLU A 217 -19.11 -20.84 -2.78
N TYR A 218 -18.52 -21.89 -2.21
CA TYR A 218 -17.92 -21.77 -0.88
C TYR A 218 -16.49 -21.24 -1.00
N PRO A 219 -16.04 -20.43 -0.06
CA PRO A 219 -14.65 -19.95 -0.10
C PRO A 219 -13.68 -21.12 0.04
N VAL A 220 -12.71 -21.17 -0.88
CA VAL A 220 -11.77 -22.29 -0.96
C VAL A 220 -10.45 -21.88 -0.32
N LEU A 221 -9.93 -22.75 0.54
CA LEU A 221 -8.62 -22.57 1.17
C LEU A 221 -7.64 -23.56 0.53
N LEU A 222 -6.66 -23.04 -0.19
CA LEU A 222 -5.63 -23.87 -0.80
C LEU A 222 -4.48 -24.07 0.20
N ALA A 223 -4.10 -25.33 0.39
CA ALA A 223 -3.04 -25.70 1.34
C ALA A 223 -2.06 -26.63 0.63
N THR A 224 -1.01 -26.04 0.05
CA THR A 224 0.01 -26.81 -0.65
C THR A 224 1.42 -26.51 -0.17
N SER A 225 1.58 -25.69 0.86
CA SER A 225 2.90 -25.15 1.22
C SER A 225 3.86 -26.26 1.61
N ARG A 226 4.94 -26.38 0.83
CA ARG A 226 6.07 -27.28 1.09
C ARG A 226 5.66 -28.75 1.15
N LYS A 227 4.46 -29.09 0.71
CA LYS A 227 4.01 -30.47 0.75
C LYS A 227 4.65 -31.28 -0.37
N ARG A 228 4.38 -32.58 -0.37
CA ARG A 228 4.98 -33.49 -1.36
C ARG A 228 4.57 -33.13 -2.78
N PHE A 229 3.41 -32.47 -2.96
CA PHE A 229 3.01 -32.07 -4.30
C PHE A 229 3.94 -31.01 -4.87
N THR A 230 4.37 -30.06 -4.03
CA THR A 230 5.31 -29.04 -4.49
C THR A 230 6.67 -29.64 -4.80
N LYS A 231 7.04 -30.72 -4.11
CA LYS A 231 8.27 -31.42 -4.46
C LYS A 231 8.18 -32.06 -5.83
N LYS A 232 6.98 -32.52 -6.22
CA LYS A 232 6.78 -33.06 -7.56
C LYS A 232 6.83 -31.97 -8.62
N MET A 233 6.56 -30.72 -8.24
CA MET A 233 6.68 -29.61 -9.19
C MET A 233 8.14 -29.32 -9.54
N MET A 234 9.07 -29.76 -8.72
CA MET A 234 10.50 -29.60 -8.99
C MET A 234 11.01 -30.82 -9.75
N GLY A 235 11.78 -30.58 -10.80
CA GLY A 235 12.42 -31.67 -11.51
C GLY A 235 13.56 -32.31 -10.74
N TYR A 236 14.04 -31.67 -9.68
CA TYR A 236 15.14 -32.15 -8.87
C TYR A 236 14.69 -32.30 -7.42
N ASP A 237 15.47 -33.08 -6.66
CA ASP A 237 15.18 -33.25 -5.24
C ASP A 237 15.39 -31.96 -4.49
N THR A 238 14.55 -31.72 -3.49
CA THR A 238 14.55 -30.46 -2.76
C THR A 238 14.30 -30.70 -1.27
N THR A 239 14.62 -29.68 -0.48
CA THR A 239 14.23 -29.57 0.92
C THR A 239 12.92 -28.81 1.02
N PRO A 240 12.22 -28.90 2.15
CA PRO A 240 10.94 -28.17 2.26
C PRO A 240 11.06 -26.68 2.06
N VAL A 241 12.10 -26.05 2.58
CA VAL A 241 12.24 -24.60 2.45
C VAL A 241 12.46 -24.22 0.99
N GLU A 242 13.14 -25.06 0.22
CA GLU A 242 13.39 -24.78 -1.20
C GLU A 242 12.12 -24.85 -2.04
N ARG A 243 10.97 -25.16 -1.45
CA ARG A 243 9.71 -25.28 -2.17
C ARG A 243 8.80 -24.07 -1.99
N ASP A 244 9.33 -22.96 -1.46
CA ASP A 244 8.49 -21.79 -1.23
C ASP A 244 8.12 -21.10 -2.53
N GLU A 245 9.01 -21.12 -3.53
CA GLU A 245 8.73 -20.41 -4.77
C GLU A 245 7.65 -21.13 -5.58
N VAL A 246 7.70 -22.46 -5.64
CA VAL A 246 6.64 -23.19 -6.33
C VAL A 246 5.37 -23.20 -5.48
N THR A 247 5.50 -23.06 -4.16
CA THR A 247 4.32 -22.84 -3.33
C THR A 247 3.65 -21.52 -3.69
N ALA A 248 4.45 -20.46 -3.88
CA ALA A 248 3.90 -19.20 -4.33
C ALA A 248 3.28 -19.31 -5.71
N ALA A 249 3.81 -20.21 -6.55
CA ALA A 249 3.19 -20.45 -7.85
C ALA A 249 1.80 -21.02 -7.71
N THR A 250 1.61 -21.95 -6.78
CA THR A 250 0.28 -22.49 -6.51
C THR A 250 -0.64 -21.41 -5.95
N THR A 251 -0.08 -20.45 -5.20
CA THR A 251 -0.89 -19.35 -4.69
C THR A 251 -1.42 -18.49 -5.83
N ALA A 252 -0.53 -18.04 -6.71
CA ALA A 252 -0.96 -17.23 -7.84
C ALA A 252 -1.89 -18.02 -8.76
N TYR A 253 -1.58 -19.31 -8.98
CA TYR A 253 -2.45 -20.14 -9.79
C TYR A 253 -3.80 -20.33 -9.11
N GLY A 254 -3.80 -20.48 -7.78
CA GLY A 254 -5.05 -20.68 -7.08
C GLY A 254 -5.93 -19.44 -7.08
N ILE A 255 -5.33 -18.27 -6.89
CA ILE A 255 -6.12 -17.03 -6.87
C ILE A 255 -6.76 -16.80 -8.22
N MET A 256 -6.03 -17.09 -9.31
CA MET A 256 -6.62 -16.95 -10.63
C MET A 256 -7.76 -17.93 -10.85
N LYS A 257 -7.72 -19.07 -10.16
CA LYS A 257 -8.80 -20.05 -10.23
C LYS A 257 -9.97 -19.70 -9.33
N GLY A 258 -9.79 -18.78 -8.38
CA GLY A 258 -10.88 -18.31 -7.56
C GLY A 258 -10.81 -18.67 -6.08
N VAL A 259 -9.68 -19.21 -5.60
CA VAL A 259 -9.57 -19.50 -4.18
C VAL A 259 -9.50 -18.19 -3.40
N ARG A 260 -10.00 -18.21 -2.16
CA ARG A 260 -10.10 -17.02 -1.35
C ARG A 260 -9.06 -16.96 -0.23
N ALA A 261 -8.27 -18.02 -0.05
CA ALA A 261 -7.23 -18.02 0.98
C ALA A 261 -6.22 -19.09 0.66
N VAL A 262 -5.01 -18.91 1.21
CA VAL A 262 -3.93 -19.88 1.08
C VAL A 262 -3.28 -20.08 2.45
N ARG A 263 -2.88 -21.31 2.73
CA ARG A 263 -2.22 -21.68 3.98
C ARG A 263 -0.76 -21.95 3.67
N VAL A 264 0.11 -21.02 4.03
CA VAL A 264 1.52 -21.05 3.62
C VAL A 264 2.42 -20.89 4.84
N HIS A 265 3.65 -21.40 4.70
CA HIS A 265 4.69 -21.14 5.68
C HIS A 265 5.32 -19.77 5.49
N ASN A 266 5.76 -19.48 4.26
CA ASN A 266 6.34 -18.18 3.92
C ASN A 266 5.21 -17.18 3.72
N VAL A 267 4.91 -16.42 4.78
CA VAL A 267 3.82 -15.46 4.72
C VAL A 267 4.19 -14.30 3.80
N GLU A 268 5.42 -13.77 3.94
CA GLU A 268 5.80 -12.56 3.24
C GLU A 268 5.82 -12.77 1.72
N LEU A 269 6.35 -13.90 1.26
CA LEU A 269 6.43 -14.14 -0.18
C LEU A 269 5.05 -14.28 -0.80
N ASN A 270 4.15 -15.01 -0.13
CA ASN A 270 2.82 -15.23 -0.69
C ASN A 270 1.94 -14.01 -0.54
N ALA A 271 2.06 -13.28 0.57
CA ALA A 271 1.22 -12.10 0.78
C ALA A 271 1.51 -11.02 -0.25
N LYS A 272 2.79 -10.78 -0.53
CA LYS A 272 3.15 -9.80 -1.56
C LYS A 272 2.70 -10.27 -2.94
N LEU A 273 2.88 -11.56 -3.24
CA LEU A 273 2.46 -12.08 -4.53
C LEU A 273 0.94 -12.09 -4.65
N ALA A 274 0.24 -12.43 -3.57
CA ALA A 274 -1.22 -12.42 -3.59
C ALA A 274 -1.76 -11.01 -3.80
N LYS A 275 -1.12 -10.01 -3.20
CA LYS A 275 -1.57 -8.64 -3.35
C LYS A 275 -1.54 -8.20 -4.81
N GLY A 276 -0.49 -8.57 -5.54
CA GLY A 276 -0.41 -8.20 -6.94
C GLY A 276 -1.41 -8.95 -7.80
N ILE A 277 -1.61 -10.24 -7.50
CA ILE A 277 -2.56 -11.03 -8.27
C ILE A 277 -3.99 -10.57 -7.99
N ASP A 278 -4.28 -10.21 -6.73
CA ASP A 278 -5.60 -9.68 -6.40
C ASP A 278 -5.86 -8.38 -7.16
N PHE A 279 -4.84 -7.54 -7.30
CA PHE A 279 -4.99 -6.30 -8.06
C PHE A 279 -5.27 -6.60 -9.52
N LEU A 280 -4.56 -7.58 -10.09
CA LEU A 280 -4.70 -7.87 -11.51
C LEU A 280 -5.96 -8.67 -11.83
N LYS A 281 -6.42 -9.52 -10.91
CA LYS A 281 -7.63 -10.29 -11.17
C LYS A 281 -8.87 -9.42 -11.06
N GLU A 282 -8.95 -8.59 -10.02
CA GLU A 282 -10.06 -7.65 -9.91
C GLU A 282 -10.04 -6.61 -11.03
N ASN A 283 -8.87 -6.36 -11.62
CA ASN A 283 -8.79 -5.44 -12.74
C ASN A 283 -9.54 -5.95 -13.95
N GLU A 284 -9.64 -7.27 -14.10
CA GLU A 284 -10.35 -7.88 -15.22
C GLU A 284 -11.84 -7.57 -15.16
N THR B 26 8.43 -25.43 -24.49
CA THR B 26 7.10 -25.02 -24.06
C THR B 26 7.19 -24.12 -22.84
N LYS B 27 8.38 -24.04 -22.25
CA LYS B 27 8.58 -23.23 -21.07
C LYS B 27 8.46 -21.75 -21.40
N THR B 28 8.23 -20.95 -20.36
CA THR B 28 8.22 -19.50 -20.51
C THR B 28 9.64 -18.98 -20.50
N LYS B 29 10.04 -18.30 -21.57
CA LYS B 29 11.39 -17.77 -21.65
C LYS B 29 11.59 -16.61 -20.69
N ILE B 30 12.70 -16.63 -19.97
CA ILE B 30 13.04 -15.59 -19.00
C ILE B 30 14.07 -14.67 -19.65
N MET B 31 13.69 -13.40 -19.83
CA MET B 31 14.56 -12.40 -20.43
C MET B 31 15.18 -11.55 -19.34
N GLY B 32 16.49 -11.68 -19.16
CA GLY B 32 17.20 -10.86 -18.18
C GLY B 32 17.55 -9.50 -18.76
N ILE B 33 17.48 -8.48 -17.90
CA ILE B 33 17.71 -7.09 -18.29
C ILE B 33 19.16 -6.74 -17.99
N LEU B 34 19.85 -6.18 -18.98
CA LEU B 34 21.23 -5.75 -18.84
C LEU B 34 21.33 -4.31 -19.33
N ASN B 35 21.50 -3.37 -18.41
CA ASN B 35 21.52 -1.97 -18.78
C ASN B 35 22.95 -1.48 -19.00
N VAL B 36 23.09 -0.48 -19.86
CA VAL B 36 24.39 0.07 -20.19
C VAL B 36 24.21 1.51 -20.66
N ASN B 49 30.75 -0.79 -17.78
CA ASN B 49 31.96 -1.53 -18.11
C ASN B 49 31.63 -2.91 -18.64
N VAL B 50 32.57 -3.51 -19.38
CA VAL B 50 32.33 -4.81 -19.99
C VAL B 50 32.46 -5.92 -18.96
N GLU B 51 33.53 -5.90 -18.17
CA GLU B 51 33.75 -6.94 -17.17
C GLU B 51 32.61 -6.99 -16.16
N SER B 52 32.02 -5.84 -15.83
CA SER B 52 30.87 -5.83 -14.93
C SER B 52 29.65 -6.40 -15.62
N ALA B 53 29.49 -6.15 -16.92
CA ALA B 53 28.36 -6.69 -17.66
C ALA B 53 28.48 -8.20 -17.82
N VAL B 54 29.68 -8.69 -18.12
CA VAL B 54 29.89 -10.12 -18.24
C VAL B 54 29.60 -10.82 -16.92
N THR B 55 29.97 -10.20 -15.81
CA THR B 55 29.66 -10.75 -14.50
C THR B 55 28.15 -10.82 -14.28
N ARG B 56 27.42 -9.78 -14.68
CA ARG B 56 25.97 -9.79 -14.55
C ARG B 56 25.35 -10.86 -15.45
N VAL B 57 25.82 -10.96 -16.69
CA VAL B 57 25.25 -11.93 -17.63
C VAL B 57 25.47 -13.35 -17.12
N LYS B 58 26.67 -13.65 -16.65
CA LYS B 58 26.95 -14.96 -16.09
C LYS B 58 26.09 -15.23 -14.86
N ALA B 59 25.82 -14.20 -14.06
CA ALA B 59 24.97 -14.38 -12.89
C ALA B 59 23.51 -14.60 -13.31
N MET B 60 23.04 -13.87 -14.31
CA MET B 60 21.67 -14.06 -14.78
C MET B 60 21.49 -15.44 -15.40
N MET B 61 22.51 -15.95 -16.09
CA MET B 61 22.43 -17.30 -16.63
C MET B 61 22.31 -18.34 -15.53
N ASP B 62 23.01 -18.12 -14.41
CA ASP B 62 22.92 -19.05 -13.29
C ASP B 62 21.55 -19.01 -12.62
N GLU B 63 20.90 -17.84 -12.61
CA GLU B 63 19.59 -17.71 -12.01
C GLU B 63 18.47 -18.26 -12.90
N GLY B 64 18.76 -18.60 -14.14
CA GLY B 64 17.79 -19.17 -15.04
C GLY B 64 17.35 -18.29 -16.20
N ALA B 65 18.15 -17.31 -16.61
CA ALA B 65 17.77 -16.43 -17.71
C ALA B 65 17.99 -17.13 -19.05
N ASP B 66 16.96 -17.14 -19.89
CA ASP B 66 17.08 -17.69 -21.23
C ASP B 66 17.53 -16.65 -22.25
N ILE B 67 17.21 -15.39 -22.04
CA ILE B 67 17.55 -14.31 -22.95
C ILE B 67 18.16 -13.17 -22.14
N ILE B 68 19.20 -12.54 -22.70
CA ILE B 68 19.81 -11.35 -22.12
C ILE B 68 19.43 -10.16 -22.99
N ASP B 69 18.73 -9.20 -22.40
CA ASP B 69 18.24 -8.03 -23.12
C ASP B 69 19.21 -6.88 -22.88
N VAL B 70 19.96 -6.51 -23.91
CA VAL B 70 20.98 -5.47 -23.81
C VAL B 70 20.36 -4.14 -24.22
N GLY B 71 20.51 -3.13 -23.36
CA GLY B 71 19.99 -1.80 -23.64
C GLY B 71 20.90 -0.69 -23.19
N ILE B 82 20.63 10.21 -28.32
CA ILE B 82 22.04 10.02 -28.67
C ILE B 82 22.18 9.75 -30.16
N THR B 83 23.42 9.66 -30.62
CA THR B 83 23.71 9.39 -32.02
C THR B 83 23.85 7.88 -32.25
N VAL B 84 23.87 7.49 -33.52
CA VAL B 84 24.08 6.09 -33.89
C VAL B 84 25.44 5.63 -33.42
N GLU B 85 26.44 6.51 -33.49
CA GLU B 85 27.78 6.15 -33.05
C GLU B 85 27.83 5.95 -31.54
N GLU B 86 27.21 6.87 -30.79
CA GLU B 86 27.23 6.77 -29.33
C GLU B 86 26.56 5.50 -28.84
N GLU B 87 25.41 5.15 -29.44
CA GLU B 87 24.75 3.89 -29.09
C GLU B 87 25.60 2.69 -29.50
N LEU B 88 26.29 2.81 -30.63
CA LEU B 88 27.12 1.71 -31.10
C LEU B 88 28.32 1.52 -30.18
N ASN B 89 28.96 2.61 -29.76
CA ASN B 89 30.10 2.50 -28.86
C ASN B 89 29.72 1.97 -27.47
N ARG B 90 28.43 1.98 -27.13
CA ARG B 90 28.01 1.55 -25.79
C ARG B 90 27.58 0.09 -25.75
N VAL B 91 26.98 -0.43 -26.82
CA VAL B 91 26.39 -1.76 -26.79
C VAL B 91 27.31 -2.78 -27.44
N LEU B 92 28.15 -2.32 -28.39
CA LEU B 92 29.01 -3.26 -29.11
C LEU B 92 30.04 -3.93 -28.20
N PRO B 93 30.79 -3.21 -27.35
CA PRO B 93 31.75 -3.91 -26.48
C PRO B 93 31.11 -4.94 -25.56
N VAL B 94 29.87 -4.70 -25.13
CA VAL B 94 29.19 -5.67 -24.28
C VAL B 94 28.72 -6.86 -25.11
N VAL B 95 28.20 -6.59 -26.32
CA VAL B 95 27.70 -7.66 -27.18
C VAL B 95 28.83 -8.60 -27.56
N GLU B 96 30.01 -8.05 -27.88
CA GLU B 96 31.14 -8.88 -28.29
C GLU B 96 31.54 -9.86 -27.18
N ALA B 97 31.39 -9.44 -25.92
CA ALA B 97 31.88 -10.24 -24.81
C ALA B 97 30.87 -11.26 -24.30
N ILE B 98 29.58 -11.07 -24.60
CA ILE B 98 28.54 -11.96 -24.07
C ILE B 98 27.83 -12.76 -25.16
N VAL B 99 28.07 -12.47 -26.43
CA VAL B 99 27.37 -13.19 -27.49
C VAL B 99 27.82 -14.65 -27.58
N GLY B 100 29.02 -14.96 -27.08
CA GLY B 100 29.52 -16.32 -27.13
C GLY B 100 28.97 -17.24 -26.06
N PHE B 101 28.28 -16.69 -25.06
CA PHE B 101 27.74 -17.51 -23.99
C PHE B 101 26.56 -18.36 -24.49
N ASP B 102 26.24 -19.39 -23.72
CA ASP B 102 25.12 -20.29 -24.05
C ASP B 102 23.81 -19.64 -23.58
N VAL B 103 23.48 -18.52 -24.24
CA VAL B 103 22.28 -17.76 -23.91
C VAL B 103 21.95 -16.90 -25.11
N LYS B 104 20.66 -16.60 -25.29
CA LYS B 104 20.22 -15.75 -26.37
C LYS B 104 20.37 -14.28 -25.98
N ILE B 105 20.78 -13.46 -26.94
CA ILE B 105 21.07 -12.05 -26.69
C ILE B 105 20.04 -11.21 -27.42
N SER B 106 19.34 -10.36 -26.68
CA SER B 106 18.41 -9.39 -27.23
C SER B 106 18.99 -7.99 -27.07
N VAL B 107 18.81 -7.15 -28.08
CA VAL B 107 19.36 -5.80 -28.11
C VAL B 107 18.21 -4.81 -28.25
N ASP B 108 18.13 -3.86 -27.32
CA ASP B 108 17.11 -2.81 -27.37
C ASP B 108 17.60 -1.70 -28.30
N THR B 109 17.06 -1.66 -29.51
CA THR B 109 17.41 -0.62 -30.46
C THR B 109 16.30 -0.49 -31.50
N PHE B 110 16.07 0.74 -31.96
CA PHE B 110 15.05 1.02 -32.97
C PHE B 110 15.66 1.59 -34.23
N ARG B 111 16.97 1.52 -34.41
CA ARG B 111 17.66 2.02 -35.58
C ARG B 111 18.39 0.87 -36.26
N SER B 112 18.14 0.69 -37.56
CA SER B 112 18.63 -0.49 -38.26
C SER B 112 20.15 -0.50 -38.33
N GLU B 113 20.80 0.67 -38.26
CA GLU B 113 22.25 0.71 -38.27
C GLU B 113 22.82 0.04 -37.02
N VAL B 114 22.17 0.23 -35.87
CA VAL B 114 22.63 -0.39 -34.64
C VAL B 114 22.32 -1.88 -34.64
N ALA B 115 21.15 -2.25 -35.18
CA ALA B 115 20.74 -3.66 -35.17
C ALA B 115 21.63 -4.49 -36.09
N GLU B 116 21.97 -3.96 -37.26
CA GLU B 116 22.77 -4.73 -38.22
C GLU B 116 24.16 -5.01 -37.67
N ALA B 117 24.75 -4.07 -36.94
CA ALA B 117 26.07 -4.28 -36.36
C ALA B 117 26.02 -5.38 -35.30
N CYS B 118 24.97 -5.40 -34.48
CA CYS B 118 24.85 -6.45 -33.47
C CYS B 118 24.50 -7.79 -34.12
N LEU B 119 23.65 -7.78 -35.14
CA LEU B 119 23.31 -9.01 -35.85
C LEU B 119 24.53 -9.61 -36.54
N LYS B 120 25.46 -8.76 -37.00
CA LYS B 120 26.69 -9.27 -37.59
C LYS B 120 27.56 -9.97 -36.55
N LEU B 121 27.41 -9.60 -35.28
CA LEU B 121 28.15 -10.25 -34.21
C LEU B 121 27.48 -11.53 -33.72
N GLY B 122 26.19 -11.70 -34.00
CA GLY B 122 25.50 -12.92 -33.68
C GLY B 122 24.38 -12.81 -32.65
N VAL B 123 23.82 -11.63 -32.42
CA VAL B 123 22.71 -11.51 -31.49
C VAL B 123 21.47 -12.16 -32.10
N ASP B 124 20.57 -12.62 -31.23
CA ASP B 124 19.43 -13.41 -31.67
C ASP B 124 18.16 -12.58 -31.86
N ILE B 125 17.95 -11.55 -31.04
CA ILE B 125 16.70 -10.81 -31.02
C ILE B 125 17.00 -9.32 -31.09
N ILE B 126 16.18 -8.60 -31.86
CA ILE B 126 16.21 -7.14 -31.91
C ILE B 126 14.90 -6.65 -31.29
N ASN B 127 15.01 -5.98 -30.14
CA ASN B 127 13.84 -5.50 -29.41
C ASN B 127 13.58 -4.06 -29.85
N ASP B 128 12.67 -3.89 -30.82
CA ASP B 128 12.35 -2.59 -31.37
C ASP B 128 11.25 -1.94 -30.53
N GLN B 129 11.56 -0.77 -29.95
CA GLN B 129 10.57 -0.06 -29.16
C GLN B 129 9.52 0.63 -30.03
N TRP B 130 9.81 0.87 -31.30
CA TRP B 130 8.87 1.50 -32.21
C TRP B 130 8.24 0.52 -33.19
N ALA B 131 8.55 -0.77 -33.07
CA ALA B 131 7.98 -1.80 -33.93
C ALA B 131 8.25 -1.50 -35.42
N GLY B 132 9.47 -1.08 -35.71
CA GLY B 132 9.85 -0.79 -37.08
C GLY B 132 9.27 0.48 -37.65
N LEU B 133 8.61 1.30 -36.84
CA LEU B 133 8.03 2.55 -37.35
C LEU B 133 9.04 3.68 -37.38
N TYR B 134 10.06 3.65 -36.51
CA TYR B 134 11.10 4.66 -36.54
C TYR B 134 12.05 4.46 -37.72
N ASP B 135 12.34 3.20 -38.06
CA ASP B 135 13.24 2.87 -39.16
C ASP B 135 12.63 1.70 -39.92
N HIS B 136 12.06 1.99 -41.09
CA HIS B 136 11.43 0.95 -41.89
C HIS B 136 12.43 -0.08 -42.39
N ARG B 137 13.71 0.27 -42.43
CA ARG B 137 14.74 -0.67 -42.85
C ARG B 137 15.00 -1.76 -41.82
N MET B 138 14.42 -1.66 -40.63
CA MET B 138 14.67 -2.64 -39.59
C MET B 138 14.17 -4.02 -39.99
N PHE B 139 13.01 -4.08 -40.65
CA PHE B 139 12.44 -5.37 -41.02
C PHE B 139 13.32 -6.10 -42.02
N GLN B 140 13.90 -5.37 -42.97
CA GLN B 140 14.77 -6.00 -43.95
C GLN B 140 16.07 -6.49 -43.32
N VAL B 141 16.58 -5.78 -42.30
CA VAL B 141 17.82 -6.18 -41.66
C VAL B 141 17.62 -7.46 -40.85
N VAL B 142 16.55 -7.51 -40.07
CA VAL B 142 16.27 -8.70 -39.26
C VAL B 142 15.99 -9.91 -40.15
N ALA B 143 15.30 -9.68 -41.28
CA ALA B 143 15.00 -10.77 -42.20
C ALA B 143 16.26 -11.27 -42.89
N LYS B 144 17.17 -10.35 -43.23
CA LYS B 144 18.41 -10.76 -43.90
C LYS B 144 19.28 -11.61 -43.00
N TYR B 145 19.36 -11.26 -41.72
CA TYR B 145 20.15 -12.02 -40.76
C TYR B 145 19.36 -13.14 -40.09
N ASP B 146 18.10 -13.33 -40.47
CA ASP B 146 17.26 -14.42 -39.98
C ASP B 146 17.21 -14.44 -38.46
N ALA B 147 16.87 -13.29 -37.88
CA ALA B 147 16.78 -13.13 -36.43
C ALA B 147 15.32 -12.90 -36.03
N GLU B 148 15.11 -12.79 -34.72
CA GLU B 148 13.80 -12.50 -34.17
C GLU B 148 13.70 -11.01 -33.87
N ILE B 149 12.46 -10.49 -33.93
CA ILE B 149 12.20 -9.09 -33.66
C ILE B 149 11.04 -8.99 -32.69
N VAL B 150 11.13 -8.06 -31.75
CA VAL B 150 10.07 -7.80 -30.77
C VAL B 150 9.42 -6.47 -31.14
N LEU B 151 8.16 -6.54 -31.55
CA LEU B 151 7.40 -5.34 -31.91
C LEU B 151 6.69 -4.83 -30.66
N MET B 152 7.17 -3.70 -30.14
CA MET B 152 6.61 -3.10 -28.94
C MET B 152 5.66 -1.98 -29.31
N HIS B 153 4.48 -1.96 -28.68
CA HIS B 153 3.52 -0.89 -28.90
C HIS B 153 3.93 0.32 -28.06
N ASN B 154 4.11 1.46 -28.72
CA ASN B 154 4.56 2.67 -28.04
C ASN B 154 3.44 3.70 -27.98
N PRO B 162 -10.03 3.56 -28.15
CA PRO B 162 -9.64 2.46 -27.27
C PRO B 162 -8.20 2.03 -27.47
N VAL B 163 -7.44 1.93 -26.38
CA VAL B 163 -6.01 1.66 -26.48
C VAL B 163 -5.74 0.19 -26.78
N VAL B 164 -6.60 -0.71 -26.31
CA VAL B 164 -6.37 -2.14 -26.51
C VAL B 164 -6.53 -2.51 -27.98
N GLU B 165 -7.66 -2.11 -28.59
CA GLU B 165 -7.87 -2.41 -30.00
C GLU B 165 -6.83 -1.71 -30.87
N GLU B 166 -6.50 -0.45 -30.54
CA GLU B 166 -5.48 0.27 -31.30
C GLU B 166 -4.13 -0.41 -31.18
N MET B 167 -3.82 -0.96 -30.01
CA MET B 167 -2.57 -1.70 -29.83
C MET B 167 -2.56 -2.95 -30.69
N LEU B 168 -3.66 -3.71 -30.68
CA LEU B 168 -3.73 -4.93 -31.46
C LEU B 168 -3.62 -4.65 -32.95
N THR B 169 -4.37 -3.66 -33.44
CA THR B 169 -4.35 -3.35 -34.87
C THR B 169 -2.97 -2.86 -35.32
N SER B 170 -2.31 -2.03 -34.50
CA SER B 170 -1.01 -1.50 -34.88
C SER B 170 0.05 -2.59 -34.90
N LEU B 171 0.00 -3.52 -33.94
CA LEU B 171 1.00 -4.58 -33.91
C LEU B 171 0.77 -5.59 -35.03
N LEU B 172 -0.49 -5.87 -35.35
CA LEU B 172 -0.78 -6.78 -36.46
C LEU B 172 -0.35 -6.18 -37.79
N ALA B 173 -0.45 -4.86 -37.94
CA ALA B 173 -0.01 -4.22 -39.18
C ALA B 173 1.50 -4.24 -39.29
N GLN B 174 2.21 -4.00 -38.19
CA GLN B 174 3.67 -4.04 -38.22
C GLN B 174 4.18 -5.46 -38.39
N ALA B 175 3.51 -6.43 -37.76
CA ALA B 175 3.86 -7.82 -37.98
C ALA B 175 3.60 -8.23 -39.43
N HIS B 176 2.58 -7.65 -40.05
CA HIS B 176 2.35 -7.88 -41.48
C HIS B 176 3.52 -7.34 -42.30
N GLN B 177 4.03 -6.16 -41.93
CA GLN B 177 5.17 -5.60 -42.65
CA GLN B 177 5.17 -5.60 -42.65
C GLN B 177 6.43 -6.43 -42.44
N ALA B 178 6.59 -7.02 -41.26
CA ALA B 178 7.75 -7.87 -41.01
C ALA B 178 7.67 -9.16 -41.80
N LYS B 179 6.46 -9.71 -41.95
CA LYS B 179 6.30 -10.92 -42.75
C LYS B 179 6.52 -10.66 -44.23
N ILE B 180 6.19 -9.46 -44.70
CA ILE B 180 6.48 -9.10 -46.09
C ILE B 180 7.99 -9.02 -46.31
N ALA B 181 8.73 -8.52 -45.31
CA ALA B 181 10.18 -8.43 -45.42
C ALA B 181 10.85 -9.79 -45.40
N GLY B 182 10.20 -10.81 -44.85
CA GLY B 182 10.75 -12.15 -44.85
C GLY B 182 10.81 -12.81 -43.49
N ILE B 183 10.43 -12.07 -42.45
CA ILE B 183 10.46 -12.59 -41.09
C ILE B 183 9.27 -13.53 -40.88
N PRO B 184 9.49 -14.78 -40.50
CA PRO B 184 8.38 -15.71 -40.29
C PRO B 184 7.54 -15.32 -39.08
N SER B 185 6.37 -15.95 -38.97
CA SER B 185 5.43 -15.62 -37.91
C SER B 185 5.98 -16.00 -36.54
N ASN B 186 6.66 -17.15 -36.45
CA ASN B 186 7.14 -17.64 -35.16
C ASN B 186 8.25 -16.77 -34.59
N LYS B 187 8.91 -15.97 -35.41
CA LYS B 187 10.01 -15.11 -34.96
C LYS B 187 9.59 -13.65 -34.83
N ILE B 188 8.29 -13.39 -34.72
CA ILE B 188 7.76 -12.04 -34.52
C ILE B 188 7.13 -11.99 -33.13
N TRP B 189 7.77 -11.25 -32.22
CA TRP B 189 7.28 -11.11 -30.85
C TRP B 189 6.53 -9.81 -30.69
N LEU B 190 5.46 -9.84 -29.90
CA LEU B 190 4.64 -8.67 -29.61
C LEU B 190 4.82 -8.28 -28.15
N ASP B 191 5.13 -7.01 -27.91
CA ASP B 191 5.26 -6.46 -26.58
C ASP B 191 4.21 -5.38 -26.38
N PRO B 192 3.28 -5.52 -25.42
CA PRO B 192 2.25 -4.49 -25.24
C PRO B 192 2.79 -3.14 -24.80
N GLY B 193 4.08 -3.02 -24.50
CA GLY B 193 4.65 -1.74 -24.14
C GLY B 193 4.19 -1.22 -22.80
N ILE B 194 4.26 -2.06 -21.76
CA ILE B 194 3.85 -1.66 -20.42
C ILE B 194 4.90 -0.70 -19.85
N GLY B 195 4.59 0.59 -19.82
CA GLY B 195 5.50 1.58 -19.30
C GLY B 195 5.91 2.62 -20.32
N PHE B 196 5.20 2.68 -21.44
CA PHE B 196 5.50 3.64 -22.49
C PHE B 196 4.21 4.29 -23.02
N THR B 199 -0.74 5.52 -19.88
CA THR B 199 -0.78 5.90 -18.47
C THR B 199 -1.23 4.72 -17.61
N ARG B 200 -1.46 4.98 -16.32
CA ARG B 200 -1.84 3.91 -15.41
C ARG B 200 -3.19 3.30 -15.77
N ASN B 201 -4.12 4.12 -16.26
CA ASN B 201 -5.44 3.59 -16.62
C ASN B 201 -5.37 2.77 -17.91
N GLU B 202 -4.56 3.22 -18.87
CA GLU B 202 -4.43 2.48 -20.12
C GLU B 202 -3.72 1.15 -19.92
N GLU B 203 -2.73 1.11 -19.02
CA GLU B 203 -2.05 -0.15 -18.74
C GLU B 203 -3.00 -1.15 -18.10
N ALA B 204 -3.90 -0.68 -17.23
CA ALA B 204 -4.86 -1.57 -16.61
C ALA B 204 -5.80 -2.19 -17.64
N GLU B 205 -6.15 -1.42 -18.68
CA GLU B 205 -6.99 -1.95 -19.74
C GLU B 205 -6.23 -2.99 -20.56
N VAL B 206 -4.94 -2.77 -20.79
CA VAL B 206 -4.13 -3.74 -21.54
C VAL B 206 -3.95 -5.02 -20.74
N MET B 207 -3.62 -4.89 -19.45
CA MET B 207 -3.41 -6.07 -18.62
C MET B 207 -4.69 -6.86 -18.43
N ALA B 208 -5.83 -6.19 -18.35
CA ALA B 208 -7.11 -6.88 -18.22
C ALA B 208 -7.47 -7.65 -19.48
N ARG B 209 -6.96 -7.24 -20.64
CA ARG B 209 -7.25 -7.89 -21.91
C ARG B 209 -5.98 -8.42 -22.55
N LEU B 210 -5.05 -8.90 -21.73
CA LEU B 210 -3.81 -9.47 -22.25
C LEU B 210 -4.04 -10.80 -22.97
N ASP B 211 -5.15 -11.49 -22.68
CA ASP B 211 -5.44 -12.74 -23.35
C ASP B 211 -5.71 -12.53 -24.84
N GLU B 212 -6.25 -11.37 -25.21
CA GLU B 212 -6.52 -11.09 -26.62
C GLU B 212 -5.24 -10.91 -27.40
N LEU B 213 -4.20 -10.35 -26.78
CA LEU B 213 -2.91 -10.23 -27.45
C LEU B 213 -2.22 -11.58 -27.54
N VAL B 214 -2.32 -12.39 -26.48
CA VAL B 214 -1.75 -13.73 -26.52
C VAL B 214 -2.50 -14.61 -27.51
N ALA B 215 -3.80 -14.41 -27.64
CA ALA B 215 -4.60 -15.21 -28.57
C ALA B 215 -4.19 -15.00 -30.02
N THR B 216 -3.38 -13.99 -30.33
CA THR B 216 -3.00 -13.72 -31.71
C THR B 216 -2.03 -14.78 -32.20
N GLU B 217 -1.61 -14.62 -33.46
CA GLU B 217 -0.74 -15.59 -34.11
C GLU B 217 0.69 -15.54 -33.58
N TYR B 218 1.07 -14.46 -32.90
CA TYR B 218 2.46 -14.23 -32.54
C TYR B 218 2.69 -14.40 -31.04
N PRO B 219 3.88 -14.82 -30.63
CA PRO B 219 4.20 -14.88 -29.21
C PRO B 219 4.30 -13.50 -28.59
N VAL B 220 4.04 -13.44 -27.29
CA VAL B 220 3.94 -12.17 -26.57
C VAL B 220 5.06 -12.10 -25.54
N LEU B 221 5.76 -10.96 -25.51
CA LEU B 221 6.76 -10.67 -24.49
C LEU B 221 6.18 -9.64 -23.53
N LEU B 222 6.09 -10.00 -22.25
CA LEU B 222 5.56 -9.12 -21.22
C LEU B 222 6.71 -8.51 -20.42
N ALA B 223 6.73 -7.20 -20.32
CA ALA B 223 7.79 -6.50 -19.59
C ALA B 223 7.30 -6.06 -18.22
N ASP B 244 10.10 -6.03 -6.01
CA ASP B 244 10.39 -7.21 -6.81
C ASP B 244 9.22 -8.20 -6.81
N GLU B 245 8.66 -8.43 -5.62
CA GLU B 245 7.55 -9.38 -5.51
C GLU B 245 6.29 -8.90 -6.21
N VAL B 246 6.21 -7.61 -6.53
CA VAL B 246 5.07 -7.11 -7.30
C VAL B 246 5.25 -7.42 -8.77
N THR B 247 6.48 -7.30 -9.28
CA THR B 247 6.75 -7.71 -10.66
C THR B 247 6.51 -9.20 -10.85
N ALA B 248 6.75 -10.00 -9.81
CA ALA B 248 6.47 -11.43 -9.87
C ALA B 248 4.99 -11.70 -10.11
N ALA B 249 4.12 -10.80 -9.65
CA ALA B 249 2.69 -10.97 -9.89
C ALA B 249 2.35 -10.79 -11.36
N THR B 250 2.92 -9.77 -12.00
CA THR B 250 2.71 -9.58 -13.44
C THR B 250 3.30 -10.73 -14.24
N THR B 251 4.44 -11.25 -13.81
CA THR B 251 5.01 -12.44 -14.43
C THR B 251 4.09 -13.64 -14.24
N ALA B 252 3.58 -13.81 -13.02
CA ALA B 252 2.64 -14.89 -12.76
C ALA B 252 1.35 -14.70 -13.56
N TYR B 253 0.83 -13.48 -13.58
CA TYR B 253 -0.41 -13.21 -14.30
C TYR B 253 -0.23 -13.41 -15.80
N GLY B 254 0.88 -12.93 -16.35
CA GLY B 254 1.09 -13.03 -17.78
C GLY B 254 1.19 -14.47 -18.26
N ILE B 255 1.92 -15.31 -17.51
CA ILE B 255 2.06 -16.71 -17.89
C ILE B 255 0.71 -17.42 -17.84
N MET B 256 -0.09 -17.10 -16.81
CA MET B 256 -1.45 -17.64 -16.76
C MET B 256 -2.26 -17.21 -17.97
N LYS B 257 -2.03 -15.98 -18.46
CA LYS B 257 -2.68 -15.52 -19.68
C LYS B 257 -2.04 -16.09 -20.93
N GLY B 258 -0.80 -16.59 -20.84
CA GLY B 258 -0.16 -17.28 -21.92
C GLY B 258 0.98 -16.56 -22.61
N VAL B 259 1.60 -15.57 -21.97
CA VAL B 259 2.75 -14.91 -22.57
C VAL B 259 3.90 -15.90 -22.66
N ARG B 260 4.65 -15.83 -23.75
CA ARG B 260 5.74 -16.77 -24.01
C ARG B 260 7.06 -16.33 -23.43
N ALA B 261 7.18 -15.08 -22.99
CA ALA B 261 8.43 -14.59 -22.41
C ALA B 261 8.13 -13.40 -21.51
N VAL B 262 8.90 -13.28 -20.44
CA VAL B 262 8.79 -12.18 -19.49
C VAL B 262 10.15 -11.49 -19.40
N ARG B 263 10.12 -10.16 -19.29
CA ARG B 263 11.33 -9.34 -19.16
C ARG B 263 11.37 -8.80 -17.75
N VAL B 264 12.27 -9.35 -16.93
CA VAL B 264 12.32 -9.05 -15.50
C VAL B 264 13.72 -8.64 -15.10
N HIS B 265 13.82 -8.00 -13.93
CA HIS B 265 15.11 -7.66 -13.32
C HIS B 265 15.59 -8.78 -12.41
N ASN B 266 14.76 -9.18 -11.44
CA ASN B 266 15.07 -10.30 -10.56
C ASN B 266 14.87 -11.58 -11.33
N VAL B 267 15.95 -12.12 -11.89
CA VAL B 267 15.84 -13.31 -12.73
C VAL B 267 15.51 -14.53 -11.89
N GLU B 268 16.14 -14.66 -10.71
CA GLU B 268 16.00 -15.88 -9.92
C GLU B 268 14.58 -16.07 -9.43
N LEU B 269 13.97 -15.01 -8.90
CA LEU B 269 12.62 -15.13 -8.35
C LEU B 269 11.60 -15.46 -9.44
N ASN B 270 11.69 -14.77 -10.58
CA ASN B 270 10.71 -14.99 -11.64
C ASN B 270 10.95 -16.31 -12.36
N ALA B 271 12.20 -16.78 -12.43
CA ALA B 271 12.46 -18.06 -13.08
C ALA B 271 11.88 -19.22 -12.28
N LYS B 272 12.07 -19.19 -10.95
CA LYS B 272 11.46 -20.23 -10.10
C LYS B 272 9.94 -20.13 -10.14
N LEU B 273 9.41 -18.91 -10.16
CA LEU B 273 7.96 -18.73 -10.19
C LEU B 273 7.39 -19.13 -11.55
N ALA B 274 8.14 -18.90 -12.62
CA ALA B 274 7.66 -19.29 -13.95
C ALA B 274 7.64 -20.80 -14.10
N LYS B 275 8.65 -21.49 -13.58
CA LYS B 275 8.72 -22.94 -13.71
C LYS B 275 7.59 -23.62 -12.97
N GLY B 276 7.19 -23.07 -11.83
CA GLY B 276 6.08 -23.65 -11.09
C GLY B 276 4.75 -23.47 -11.79
N ILE B 277 4.55 -22.31 -12.43
CA ILE B 277 3.30 -22.06 -13.14
C ILE B 277 3.27 -22.81 -14.48
N ASP B 278 4.42 -22.93 -15.15
CA ASP B 278 4.48 -23.75 -16.35
C ASP B 278 4.06 -25.19 -16.06
N PHE B 279 4.42 -25.70 -14.87
CA PHE B 279 3.99 -27.03 -14.46
C PHE B 279 2.48 -27.06 -14.26
N LEU B 280 1.93 -26.05 -13.58
CA LEU B 280 0.50 -26.04 -13.28
C LEU B 280 -0.34 -25.84 -14.53
N LYS B 281 0.17 -25.10 -15.52
CA LYS B 281 -0.55 -24.94 -16.77
C LYS B 281 -0.47 -26.19 -17.63
N GLU B 282 0.71 -26.82 -17.70
CA GLU B 282 0.84 -28.05 -18.46
C GLU B 282 0.04 -29.17 -17.84
N ASN B 283 -0.03 -29.21 -16.51
CA ASN B 283 -0.84 -30.22 -15.84
C ASN B 283 -2.33 -30.00 -16.08
N GLU B 284 -2.75 -28.73 -16.20
CA GLU B 284 -4.15 -28.45 -16.46
C GLU B 284 -4.53 -28.79 -17.90
N ASN B 285 -3.64 -28.49 -18.86
CA ASN B 285 -3.93 -28.78 -20.26
C ASN B 285 -3.89 -30.28 -20.54
N ALA B 286 -2.96 -30.99 -19.91
CA ALA B 286 -2.85 -32.43 -20.14
C ALA B 286 -4.08 -33.18 -19.63
N ARG B 287 -4.72 -32.65 -18.59
CA ARG B 287 -5.92 -33.26 -18.02
C ARG B 287 -7.20 -32.56 -18.46
N HIS B 288 -7.11 -31.59 -19.35
CA HIS B 288 -8.26 -30.87 -19.89
C HIS B 288 -9.13 -30.26 -18.79
N THR C 26 7.61 26.86 20.36
CA THR C 26 8.71 26.12 19.75
C THR C 26 8.19 25.09 18.76
N LYS C 27 9.06 24.63 17.87
CA LYS C 27 8.68 23.69 16.83
C LYS C 27 8.55 22.28 17.39
N THR C 28 7.85 21.44 16.64
CA THR C 28 7.79 20.01 16.94
C THR C 28 9.04 19.33 16.39
N LYS C 29 9.79 18.67 17.26
CA LYS C 29 11.05 18.08 16.87
C LYS C 29 10.81 16.86 15.96
N ILE C 30 11.54 16.81 14.86
CA ILE C 30 11.46 15.70 13.91
C ILE C 30 12.62 14.76 14.17
N MET C 31 12.31 13.53 14.56
CA MET C 31 13.32 12.52 14.84
C MET C 31 13.42 11.57 13.67
N GLY C 32 14.52 11.65 12.92
CA GLY C 32 14.74 10.74 11.81
C GLY C 32 15.27 9.40 12.28
N ILE C 33 14.89 8.35 11.55
CA ILE C 33 15.24 6.98 11.88
C ILE C 33 16.45 6.58 11.05
N LEU C 34 17.52 6.14 11.72
CA LEU C 34 18.74 5.67 11.08
C LEU C 34 18.97 4.23 11.53
N ASN C 35 18.57 3.27 10.70
CA ASN C 35 18.73 1.85 11.01
C ASN C 35 20.09 1.36 10.54
N VAL C 36 20.83 0.72 11.45
CA VAL C 36 22.14 0.19 11.12
C VAL C 36 22.15 -1.32 11.26
N ASN C 49 26.92 0.34 7.21
CA ASN C 49 28.16 0.96 6.73
C ASN C 49 28.27 2.41 7.22
N VAL C 50 29.50 2.84 7.50
CA VAL C 50 29.73 4.17 8.05
C VAL C 50 29.47 5.24 6.98
N GLU C 51 30.00 5.02 5.77
CA GLU C 51 29.87 6.03 4.72
C GLU C 51 28.41 6.26 4.35
N SER C 52 27.62 5.19 4.26
CA SER C 52 26.21 5.34 3.94
C SER C 52 25.46 6.02 5.09
N ALA C 53 25.90 5.80 6.33
CA ALA C 53 25.26 6.45 7.47
C ALA C 53 25.48 7.96 7.43
N VAL C 54 26.72 8.37 7.17
CA VAL C 54 27.02 9.80 7.04
C VAL C 54 26.20 10.40 5.89
N THR C 55 26.06 9.66 4.80
CA THR C 55 25.25 10.13 3.67
C THR C 55 23.78 10.23 4.06
N ARG C 56 23.27 9.23 4.78
CA ARG C 56 21.86 9.22 5.15
C ARG C 56 21.56 10.29 6.20
N VAL C 57 22.49 10.56 7.10
CA VAL C 57 22.25 11.55 8.14
C VAL C 57 22.20 12.95 7.54
N LYS C 58 23.12 13.26 6.61
CA LYS C 58 23.10 14.58 5.98
C LYS C 58 21.84 14.77 5.16
N ALA C 59 21.37 13.71 4.51
CA ALA C 59 20.12 13.80 3.74
C ALA C 59 18.94 14.07 4.65
N MET C 60 18.89 13.40 5.81
CA MET C 60 17.80 13.63 6.75
C MET C 60 17.86 15.05 7.31
N MET C 61 19.06 15.57 7.56
CA MET C 61 19.20 16.94 8.04
C MET C 61 18.66 17.93 7.00
N ASP C 62 18.98 17.70 5.73
CA ASP C 62 18.49 18.58 4.68
C ASP C 62 16.97 18.51 4.56
N GLU C 63 16.37 17.36 4.87
CA GLU C 63 14.92 17.23 4.83
C GLU C 63 14.23 17.88 6.02
N GLY C 64 14.98 18.17 7.08
CA GLY C 64 14.43 18.87 8.23
C GLY C 64 14.43 18.06 9.51
N ALA C 65 15.39 17.15 9.65
CA ALA C 65 15.46 16.31 10.85
C ALA C 65 16.15 17.06 11.97
N ASP C 66 15.52 17.07 13.14
CA ASP C 66 16.11 17.68 14.33
C ASP C 66 16.88 16.69 15.18
N ILE C 67 16.53 15.41 15.09
CA ILE C 67 17.17 14.35 15.88
C ILE C 67 17.40 13.16 14.96
N ILE C 68 18.55 12.50 15.12
CA ILE C 68 18.87 11.27 14.41
C ILE C 68 18.85 10.14 15.43
N ASP C 69 17.89 9.23 15.27
CA ASP C 69 17.72 8.10 16.18
C ASP C 69 18.46 6.90 15.61
N VAL C 70 19.60 6.56 16.22
CA VAL C 70 20.39 5.42 15.79
C VAL C 70 19.76 4.16 16.36
N GLY C 71 19.40 3.22 15.48
CA GLY C 71 18.76 1.99 15.89
C GLY C 71 19.65 1.09 16.73
N ILE C 82 22.85 -10.30 22.32
CA ILE C 82 24.16 -9.69 22.09
C ILE C 82 24.71 -9.11 23.38
N THR C 83 26.02 -9.21 23.56
CA THR C 83 26.67 -8.70 24.75
C THR C 83 26.89 -7.19 24.63
N VAL C 84 27.49 -6.60 25.67
CA VAL C 84 27.73 -5.16 25.67
C VAL C 84 28.82 -4.81 24.65
N GLU C 85 29.91 -5.57 24.65
CA GLU C 85 31.01 -5.29 23.73
C GLU C 85 30.59 -5.48 22.27
N GLU C 86 29.69 -6.40 22.00
CA GLU C 86 29.23 -6.62 20.63
C GLU C 86 28.39 -5.43 20.15
N GLU C 87 27.51 -4.91 20.99
CA GLU C 87 26.71 -3.75 20.61
C GLU C 87 27.58 -2.51 20.47
N LEU C 88 28.61 -2.39 21.30
CA LEU C 88 29.53 -1.26 21.19
C LEU C 88 30.29 -1.30 19.88
N ASN C 89 30.80 -2.48 19.49
CA ASN C 89 31.52 -2.62 18.24
C ASN C 89 30.63 -2.38 17.02
N ARG C 90 29.32 -2.27 17.22
CA ARG C 90 28.38 -2.09 16.11
C ARG C 90 27.94 -0.64 15.93
N VAL C 91 27.73 0.10 17.01
CA VAL C 91 27.13 1.42 16.91
C VAL C 91 28.17 2.52 17.09
N LEU C 92 29.22 2.24 17.84
CA LEU C 92 30.24 3.26 18.09
C LEU C 92 30.90 3.78 16.81
N PRO C 93 31.24 2.96 15.81
CA PRO C 93 31.74 3.54 14.55
C PRO C 93 30.73 4.46 13.89
N VAL C 94 29.44 4.13 13.97
CA VAL C 94 28.42 4.99 13.37
C VAL C 94 28.26 6.27 14.19
N VAL C 95 28.36 6.16 15.52
CA VAL C 95 28.15 7.31 16.40
C VAL C 95 29.23 8.36 16.14
N GLU C 96 30.50 7.95 16.24
CA GLU C 96 31.60 8.89 16.08
C GLU C 96 31.65 9.50 14.68
N ALA C 97 31.03 8.85 13.69
CA ALA C 97 31.06 9.38 12.34
C ALA C 97 29.99 10.43 12.10
N ILE C 98 28.86 10.36 12.83
CA ILE C 98 27.75 11.28 12.62
C ILE C 98 27.57 12.27 13.76
N VAL C 99 28.25 12.07 14.90
CA VAL C 99 28.10 12.99 16.02
C VAL C 99 28.66 14.37 15.69
N GLY C 100 29.53 14.47 14.67
CA GLY C 100 30.04 15.76 14.25
C GLY C 100 29.03 16.63 13.56
N PHE C 101 27.93 16.04 13.05
CA PHE C 101 26.88 16.82 12.44
C PHE C 101 26.24 17.76 13.46
N ASP C 102 25.76 18.90 12.97
CA ASP C 102 25.08 19.88 13.82
C ASP C 102 23.61 19.47 14.00
N VAL C 103 23.43 18.34 14.67
CA VAL C 103 22.11 17.77 14.88
C VAL C 103 22.18 16.87 16.10
N LYS C 104 21.05 16.73 16.80
CA LYS C 104 21.00 15.88 17.98
C LYS C 104 21.04 14.41 17.58
N ILE C 105 21.83 13.63 18.31
CA ILE C 105 22.01 12.21 18.05
C ILE C 105 21.32 11.42 19.16
N SER C 106 20.41 10.53 18.77
CA SER C 106 19.73 9.64 19.69
C SER C 106 20.13 8.20 19.42
N VAL C 107 20.39 7.45 20.48
CA VAL C 107 20.84 6.06 20.39
C VAL C 107 19.81 5.17 21.07
N ASP C 108 19.34 4.16 20.34
CA ASP C 108 18.39 3.18 20.89
C ASP C 108 19.17 2.15 21.68
N THR C 109 19.18 2.31 23.01
CA THR C 109 19.86 1.35 23.88
C THR C 109 19.19 1.37 25.24
N PHE C 110 19.11 0.19 25.87
CA PHE C 110 18.54 0.04 27.20
C PHE C 110 19.57 -0.47 28.20
N ARG C 111 20.86 -0.42 27.86
CA ARG C 111 21.93 -0.84 28.74
C ARG C 111 22.84 0.36 29.00
N SER C 112 23.18 0.58 30.28
CA SER C 112 23.88 1.79 30.68
C SER C 112 25.31 1.83 30.14
N GLU C 113 25.96 0.67 30.02
CA GLU C 113 27.33 0.66 29.51
C GLU C 113 27.38 1.14 28.06
N VAL C 114 26.42 0.70 27.24
CA VAL C 114 26.39 1.15 25.85
C VAL C 114 26.06 2.64 25.78
N ALA C 115 25.19 3.12 26.66
CA ALA C 115 24.81 4.53 26.64
C ALA C 115 25.98 5.42 27.02
N GLU C 116 26.72 5.05 28.07
CA GLU C 116 27.80 5.90 28.55
C GLU C 116 28.90 6.06 27.50
N ALA C 117 29.23 4.97 26.80
CA ALA C 117 30.23 5.06 25.74
C ALA C 117 29.77 5.97 24.62
N CYS C 118 28.48 5.92 24.28
CA CYS C 118 27.95 6.84 23.29
C CYS C 118 27.90 8.27 23.83
N LEU C 119 27.55 8.42 25.11
CA LEU C 119 27.53 9.76 25.72
C LEU C 119 28.92 10.36 25.77
N LYS C 120 29.96 9.53 25.91
CA LYS C 120 31.33 10.03 25.86
C LYS C 120 31.68 10.57 24.48
N LEU C 121 31.08 10.00 23.43
CA LEU C 121 31.34 10.47 22.07
C LEU C 121 30.53 11.70 21.71
N GLY C 122 29.54 12.08 22.50
CA GLY C 122 28.80 13.29 22.30
C GLY C 122 27.34 13.14 21.90
N VAL C 123 26.74 11.96 22.06
CA VAL C 123 25.33 11.82 21.73
C VAL C 123 24.49 12.61 22.73
N ASP C 124 23.33 13.08 22.28
CA ASP C 124 22.51 13.97 23.08
C ASP C 124 21.33 13.28 23.75
N ILE C 125 20.83 12.20 23.17
CA ILE C 125 19.63 11.53 23.64
C ILE C 125 19.89 10.03 23.73
N ILE C 126 19.40 9.41 24.79
CA ILE C 126 19.41 7.95 24.95
C ILE C 126 17.97 7.48 24.92
N ASN C 127 17.62 6.69 23.91
CA ASN C 127 16.26 6.19 23.72
C ASN C 127 16.17 4.81 24.35
N ASP C 128 15.77 4.77 25.62
CA ASP C 128 15.62 3.51 26.36
C ASP C 128 14.24 2.95 26.09
N GLN C 129 14.17 1.87 25.32
CA GLN C 129 12.90 1.24 24.97
C GLN C 129 12.34 0.38 26.09
N TRP C 130 13.02 0.28 27.23
CA TRP C 130 12.49 -0.37 28.41
C TRP C 130 12.21 0.61 29.54
N ALA C 131 12.29 1.91 29.27
CA ALA C 131 12.04 2.96 30.27
C ALA C 131 12.95 2.82 31.49
N GLY C 132 14.14 2.27 31.30
CA GLY C 132 15.07 2.08 32.40
C GLY C 132 14.79 0.87 33.27
N LEU C 133 13.82 0.03 32.91
CA LEU C 133 13.50 -1.16 33.68
C LEU C 133 14.50 -2.30 33.48
N TYR C 134 15.31 -2.24 32.43
CA TYR C 134 16.33 -3.25 32.21
C TYR C 134 17.62 -2.95 32.96
N ASP C 135 17.96 -1.67 33.13
CA ASP C 135 19.17 -1.27 33.82
C ASP C 135 18.89 0.07 34.50
N HIS C 136 18.68 0.03 35.81
CA HIS C 136 18.39 1.25 36.56
C HIS C 136 19.56 2.22 36.55
N ARG C 137 20.78 1.74 36.28
CA ARG C 137 21.93 2.63 36.19
C ARG C 137 21.82 3.61 35.03
N MET C 138 20.88 3.39 34.11
CA MET C 138 20.71 4.28 32.97
C MET C 138 20.43 5.72 33.42
N PHE C 139 19.62 5.87 34.47
CA PHE C 139 19.26 7.21 34.94
C PHE C 139 20.48 7.97 35.46
N GLN C 140 21.35 7.27 36.19
CA GLN C 140 22.56 7.92 36.68
C GLN C 140 23.55 8.20 35.54
N VAL C 141 23.54 7.36 34.51
CA VAL C 141 24.45 7.56 33.38
C VAL C 141 24.02 8.76 32.55
N VAL C 142 22.72 8.87 32.26
CA VAL C 142 22.23 9.99 31.46
C VAL C 142 22.39 11.29 32.23
N ALA C 143 22.18 11.26 33.55
CA ALA C 143 22.34 12.47 34.35
C ALA C 143 23.80 12.88 34.46
N LYS C 144 24.71 11.90 34.43
CA LYS C 144 26.14 12.22 34.54
C LYS C 144 26.64 12.99 33.33
N TYR C 145 25.97 12.90 32.18
CA TYR C 145 26.38 13.60 30.98
C TYR C 145 25.39 14.69 30.58
N ASP C 146 24.43 15.02 31.45
CA ASP C 146 23.47 16.09 31.22
C ASP C 146 22.74 15.91 29.89
N ALA C 147 22.35 14.67 29.60
CA ALA C 147 21.72 14.32 28.34
C ALA C 147 20.23 14.09 28.54
N GLU C 148 19.54 13.83 27.44
CA GLU C 148 18.11 13.54 27.44
C GLU C 148 17.88 12.04 27.35
N ILE C 149 16.73 11.60 27.85
CA ILE C 149 16.36 10.19 27.84
C ILE C 149 14.91 10.07 27.38
N VAL C 150 14.64 9.02 26.61
CA VAL C 150 13.30 8.71 26.13
C VAL C 150 12.84 7.44 26.81
N LEU C 151 11.72 7.51 27.51
CA LEU C 151 11.16 6.38 28.25
C LEU C 151 9.97 5.84 27.46
N MET C 152 10.14 4.67 26.85
CA MET C 152 9.11 4.05 26.03
C MET C 152 8.35 3.01 26.85
N HIS C 153 7.04 2.97 26.67
CA HIS C 153 6.21 1.96 27.33
C HIS C 153 6.36 0.62 26.60
N ASN C 154 6.74 -0.41 27.34
CA ASN C 154 7.01 -1.72 26.77
C ASN C 154 6.43 -2.78 27.70
N GLY C 155 6.77 -4.03 27.46
CA GLY C 155 6.30 -5.14 28.27
C GLY C 155 6.27 -6.46 27.52
N GLU C 161 -4.91 -2.28 35.15
CA GLU C 161 -5.11 -3.32 34.13
C GLU C 161 -5.32 -2.75 32.71
N PRO C 162 -6.16 -1.73 32.53
CA PRO C 162 -6.28 -1.13 31.20
C PRO C 162 -4.96 -0.57 30.71
N VAL C 163 -4.84 -0.48 29.38
CA VAL C 163 -3.55 -0.15 28.78
C VAL C 163 -3.16 1.30 29.09
N VAL C 164 -4.12 2.22 29.07
CA VAL C 164 -3.79 3.62 29.28
C VAL C 164 -3.34 3.86 30.72
N GLU C 165 -4.04 3.28 31.69
CA GLU C 165 -3.65 3.46 33.08
C GLU C 165 -2.34 2.76 33.39
N GLU C 166 -2.13 1.56 32.83
CA GLU C 166 -0.88 0.85 33.05
C GLU C 166 0.28 1.55 32.35
N MET C 167 0.03 2.19 31.21
CA MET C 167 1.07 2.96 30.54
C MET C 167 1.46 4.18 31.37
N LEU C 168 0.47 4.94 31.83
CA LEU C 168 0.76 6.11 32.67
C LEU C 168 1.43 5.71 33.96
N THR C 169 0.94 4.64 34.60
CA THR C 169 1.51 4.19 35.87
C THR C 169 2.99 3.82 35.70
N SER C 170 3.33 3.13 34.62
CA SER C 170 4.70 2.70 34.41
C SER C 170 5.61 3.87 34.04
N LEU C 171 5.16 4.71 33.10
CA LEU C 171 6.01 5.79 32.62
C LEU C 171 6.23 6.85 33.69
N LEU C 172 5.20 7.16 34.49
CA LEU C 172 5.35 8.19 35.51
C LEU C 172 6.31 7.74 36.61
N ALA C 173 6.29 6.46 36.96
CA ALA C 173 7.23 5.95 37.95
C ALA C 173 8.66 5.98 37.43
N GLN C 174 8.86 5.63 36.16
CA GLN C 174 10.19 5.66 35.59
C GLN C 174 10.66 7.09 35.31
N ALA C 175 9.71 7.98 34.98
CA ALA C 175 10.07 9.39 34.82
C ALA C 175 10.51 10.01 36.14
N HIS C 176 9.92 9.56 37.24
CA HIS C 176 10.35 10.07 38.55
C HIS C 176 11.74 9.54 38.90
N GLN C 177 12.04 8.30 38.52
CA GLN C 177 13.38 7.76 38.75
C GLN C 177 14.44 8.56 37.99
N ALA C 178 14.09 9.08 36.81
CA ALA C 178 15.02 9.95 36.10
C ALA C 178 15.13 11.30 36.77
N LYS C 179 14.02 11.80 37.33
CA LYS C 179 14.06 13.09 38.02
C LYS C 179 14.81 13.00 39.34
N ILE C 180 14.80 11.82 39.97
CA ILE C 180 15.60 11.61 41.18
C ILE C 180 17.08 11.64 40.83
N ALA C 181 17.45 11.06 39.69
CA ALA C 181 18.84 11.01 39.27
C ALA C 181 19.39 12.38 38.90
N GLY C 182 18.54 13.37 38.67
CA GLY C 182 18.97 14.71 38.33
C GLY C 182 18.67 15.17 36.91
N ILE C 183 17.78 14.48 36.20
CA ILE C 183 17.42 14.88 34.84
C ILE C 183 16.21 15.80 34.90
N PRO C 184 16.24 16.96 34.26
CA PRO C 184 15.09 17.86 34.29
C PRO C 184 13.88 17.26 33.59
N SER C 185 12.70 17.78 33.94
CA SER C 185 11.46 17.25 33.38
C SER C 185 11.37 17.49 31.88
N ASN C 186 11.91 18.61 31.40
CA ASN C 186 11.88 18.90 29.97
C ASN C 186 12.85 18.04 29.18
N LYS C 187 13.71 17.27 29.85
CA LYS C 187 14.63 16.35 29.19
C LYS C 187 14.21 14.89 29.36
N ILE C 188 13.04 14.64 29.94
CA ILE C 188 12.53 13.29 30.15
C ILE C 188 11.39 13.09 29.15
N TRP C 189 11.66 12.32 28.10
CA TRP C 189 10.68 12.08 27.06
C TRP C 189 9.89 10.81 27.33
N LEU C 190 8.61 10.83 26.96
CA LEU C 190 7.72 9.69 27.14
C LEU C 190 7.23 9.23 25.77
N ASP C 191 7.46 7.96 25.46
CA ASP C 191 6.99 7.34 24.22
C ASP C 191 5.92 6.33 24.56
N PRO C 192 4.69 6.49 24.07
CA PRO C 192 3.64 5.51 24.38
C PRO C 192 3.97 4.10 23.92
N GLY C 193 4.91 3.93 22.99
CA GLY C 193 5.33 2.61 22.58
C GLY C 193 4.35 1.90 21.67
N ILE C 194 3.93 2.57 20.59
CA ILE C 194 3.07 1.92 19.61
C ILE C 194 3.83 0.78 18.96
N GLY C 195 3.20 -0.39 18.89
CA GLY C 195 3.83 -1.57 18.34
C GLY C 195 4.59 -2.42 19.33
N PHE C 196 4.51 -2.11 20.63
CA PHE C 196 5.23 -2.87 21.66
C PHE C 196 4.26 -3.19 22.79
N ALA C 197 4.11 -4.48 23.09
CA ALA C 197 3.31 -4.97 24.21
C ALA C 197 1.87 -4.48 24.15
N LYS C 198 1.35 -4.25 22.94
CA LYS C 198 0.00 -3.75 22.77
C LYS C 198 -0.65 -4.42 21.57
N THR C 199 -1.92 -4.76 21.73
CA THR C 199 -2.73 -5.14 20.59
C THR C 199 -3.15 -3.91 19.81
N ARG C 200 -3.76 -4.12 18.63
CA ARG C 200 -4.26 -2.99 17.87
C ARG C 200 -5.41 -2.29 18.61
N ASN C 201 -6.16 -3.03 19.42
CA ASN C 201 -7.22 -2.42 20.21
C ASN C 201 -6.63 -1.56 21.34
N GLU C 202 -5.51 -2.00 21.91
CA GLU C 202 -4.85 -1.20 22.95
C GLU C 202 -4.16 0.02 22.35
N GLU C 203 -3.62 -0.10 21.14
CA GLU C 203 -3.02 1.05 20.48
C GLU C 203 -4.08 2.09 20.12
N ALA C 204 -5.27 1.63 19.73
CA ALA C 204 -6.34 2.56 19.40
C ALA C 204 -6.81 3.32 20.63
N GLU C 205 -6.78 2.69 21.80
CA GLU C 205 -7.17 3.37 23.03
C GLU C 205 -6.13 4.41 23.43
N VAL C 206 -4.85 4.12 23.21
CA VAL C 206 -3.81 5.09 23.55
C VAL C 206 -3.84 6.26 22.59
N MET C 207 -4.03 6.00 21.29
CA MET C 207 -4.07 7.09 20.31
C MET C 207 -5.29 7.96 20.50
N ALA C 208 -6.40 7.41 20.97
CA ALA C 208 -7.59 8.19 21.24
C ALA C 208 -7.47 9.03 22.51
N ARG C 209 -6.49 8.75 23.36
CA ARG C 209 -6.33 9.44 24.63
C ARG C 209 -4.90 9.93 24.81
N LEU C 210 -4.31 10.46 23.74
CA LEU C 210 -2.97 11.04 23.83
C LEU C 210 -2.94 12.27 24.73
N ASP C 211 -4.08 12.96 24.88
CA ASP C 211 -4.12 14.14 25.73
C ASP C 211 -3.81 13.81 27.18
N GLU C 212 -4.11 12.58 27.61
CA GLU C 212 -3.80 12.17 28.98
C GLU C 212 -2.31 11.95 29.17
N LEU C 213 -1.62 11.47 28.14
CA LEU C 213 -0.17 11.32 28.21
C LEU C 213 0.53 12.68 28.12
N VAL C 214 0.02 13.57 27.27
CA VAL C 214 0.58 14.91 27.18
C VAL C 214 0.36 15.68 28.46
N ALA C 215 -0.73 15.38 29.19
CA ALA C 215 -1.04 16.04 30.44
C ALA C 215 0.00 15.78 31.53
N THR C 216 0.89 14.80 31.34
CA THR C 216 1.95 14.54 32.31
C THR C 216 2.98 15.65 32.36
N GLU C 217 2.91 16.63 31.46
CA GLU C 217 3.85 17.74 31.32
C GLU C 217 5.25 17.30 30.95
N TYR C 218 5.46 16.02 30.65
CA TYR C 218 6.71 15.57 30.04
C TYR C 218 6.59 15.63 28.52
N PRO C 219 7.67 15.98 27.82
CA PRO C 219 7.60 16.01 26.35
C PRO C 219 7.36 14.61 25.79
N VAL C 220 6.35 14.50 24.94
CA VAL C 220 5.90 13.21 24.42
C VAL C 220 6.49 13.00 23.03
N LEU C 221 7.02 11.81 22.79
CA LEU C 221 7.54 11.40 21.48
C LEU C 221 6.60 10.36 20.91
N LEU C 222 5.96 10.70 19.79
CA LEU C 222 5.05 9.79 19.12
C LEU C 222 5.80 9.00 18.05
N ALA C 223 5.76 7.67 18.15
CA ALA C 223 6.47 6.78 17.22
C ALA C 223 5.46 5.82 16.62
N THR C 224 4.87 6.20 15.47
CA THR C 224 3.91 5.37 14.77
C THR C 224 4.31 5.10 13.32
N SER C 225 5.52 5.50 12.91
CA SER C 225 5.91 5.46 11.51
C SER C 225 5.91 4.06 10.91
N ARG C 226 5.03 3.83 9.94
CA ARG C 226 4.94 2.60 9.15
C ARG C 226 4.70 1.35 9.99
N LYS C 227 4.19 1.52 11.22
CA LYS C 227 3.93 0.37 12.07
C LYS C 227 2.57 -0.25 11.72
N ARG C 228 2.22 -1.31 12.45
CA ARG C 228 0.99 -2.04 12.15
C ARG C 228 -0.25 -1.19 12.39
N PHE C 229 -0.16 -0.22 13.30
CA PHE C 229 -1.29 0.65 13.57
C PHE C 229 -1.65 1.50 12.34
N THR C 230 -0.63 1.95 11.60
CA THR C 230 -0.88 2.74 10.40
C THR C 230 -1.43 1.90 9.27
N LYS C 231 -1.22 0.58 9.29
CA LYS C 231 -1.74 -0.27 8.23
C LYS C 231 -3.26 -0.36 8.27
N LYS C 232 -3.85 -0.28 9.46
CA LYS C 232 -5.30 -0.35 9.59
C LYS C 232 -5.99 0.98 9.29
N MET C 233 -5.24 2.08 9.27
CA MET C 233 -5.82 3.39 9.00
C MET C 233 -6.15 3.59 7.54
N MET C 234 -5.54 2.83 6.63
CA MET C 234 -5.80 2.97 5.20
C MET C 234 -7.08 2.24 4.80
N THR C 239 2.20 -2.19 1.90
CA THR C 239 3.64 -1.93 1.98
C THR C 239 3.95 -0.82 2.98
N PRO C 240 5.07 -0.96 3.69
CA PRO C 240 5.42 0.05 4.71
C PRO C 240 5.61 1.45 4.14
N VAL C 241 6.30 1.57 3.00
CA VAL C 241 6.54 2.89 2.42
C VAL C 241 5.24 3.55 1.98
N GLU C 242 4.24 2.75 1.60
CA GLU C 242 2.95 3.31 1.21
C GLU C 242 2.15 3.84 2.39
N ARG C 243 2.68 3.76 3.61
CA ARG C 243 1.99 4.21 4.81
C ARG C 243 2.49 5.57 5.31
N ASP C 244 3.24 6.31 4.48
CA ASP C 244 3.79 7.59 4.91
C ASP C 244 2.69 8.64 5.06
N GLU C 245 1.64 8.56 4.25
CA GLU C 245 0.58 9.56 4.32
C GLU C 245 -0.26 9.39 5.58
N VAL C 246 -0.55 8.14 5.97
CA VAL C 246 -1.29 7.93 7.22
C VAL C 246 -0.36 8.10 8.42
N THR C 247 0.94 7.86 8.25
CA THR C 247 1.90 8.22 9.29
C THR C 247 1.91 9.73 9.50
N ALA C 248 1.84 10.50 8.40
CA ALA C 248 1.71 11.94 8.52
C ALA C 248 0.42 12.33 9.21
N ALA C 249 -0.66 11.55 8.99
CA ALA C 249 -1.91 11.82 9.68
C ALA C 249 -1.75 11.72 11.18
N THR C 250 -1.04 10.70 11.66
CA THR C 250 -0.77 10.59 13.09
C THR C 250 0.13 11.72 13.57
N THR C 251 1.01 12.23 12.70
CA THR C 251 1.86 13.34 13.08
C THR C 251 1.04 14.61 13.31
N ALA C 252 0.20 14.98 12.34
CA ALA C 252 -0.65 16.16 12.51
C ALA C 252 -1.63 15.96 13.64
N TYR C 253 -2.15 14.75 13.81
CA TYR C 253 -3.06 14.46 14.92
C TYR C 253 -2.34 14.52 16.25
N GLY C 254 -1.10 14.02 16.30
CA GLY C 254 -0.35 14.05 17.54
C GLY C 254 0.03 15.46 17.96
N ILE C 255 0.45 16.29 17.01
CA ILE C 255 0.82 17.67 17.34
C ILE C 255 -0.40 18.43 17.84
N MET C 256 -1.56 18.17 17.25
CA MET C 256 -2.79 18.79 17.72
C MET C 256 -3.09 18.40 19.16
N LYS C 257 -2.73 17.19 19.55
CA LYS C 257 -2.91 16.75 20.93
C LYS C 257 -1.83 17.28 21.85
N GLY C 258 -0.71 17.75 21.31
CA GLY C 258 0.33 18.37 22.08
C GLY C 258 1.63 17.60 22.22
N VAL C 259 1.87 16.59 21.37
CA VAL C 259 3.15 15.88 21.43
C VAL C 259 4.25 16.83 20.95
N ARG C 260 5.45 16.62 21.49
CA ARG C 260 6.57 17.51 21.22
C ARG C 260 7.53 16.98 20.16
N ALA C 261 7.41 15.71 19.77
CA ALA C 261 8.29 15.16 18.75
C ALA C 261 7.65 13.93 18.12
N VAL C 262 8.03 13.66 16.88
CA VAL C 262 7.57 12.49 16.14
C VAL C 262 8.78 11.75 15.61
N ARG C 263 8.71 10.42 15.62
CA ARG C 263 9.78 9.56 15.12
C ARG C 263 9.30 8.93 13.83
N VAL C 264 9.85 9.38 12.70
CA VAL C 264 9.34 9.00 11.38
C VAL C 264 10.49 8.54 10.48
N HIS C 265 10.12 7.74 9.48
CA HIS C 265 11.05 7.39 8.42
C HIS C 265 11.13 8.49 7.37
N ASN C 266 9.98 8.90 6.82
CA ASN C 266 9.91 9.96 5.84
C ASN C 266 10.08 11.29 6.59
N VAL C 267 11.31 11.79 6.62
CA VAL C 267 11.60 13.02 7.34
C VAL C 267 10.99 14.21 6.63
N GLU C 268 11.11 14.26 5.30
CA GLU C 268 10.69 15.44 4.56
C GLU C 268 9.17 15.63 4.61
N LEU C 269 8.41 14.54 4.50
CA LEU C 269 6.96 14.66 4.49
C LEU C 269 6.44 15.16 5.83
N ASN C 270 6.95 14.60 6.93
CA ASN C 270 6.45 14.99 8.25
C ASN C 270 6.98 16.35 8.68
N ALA C 271 8.23 16.68 8.34
CA ALA C 271 8.79 17.96 8.74
C ALA C 271 8.05 19.13 8.08
N LYS C 272 7.76 19.02 6.79
CA LYS C 272 6.98 20.05 6.11
C LYS C 272 5.56 20.10 6.65
N LEU C 273 4.97 18.93 6.93
CA LEU C 273 3.62 18.89 7.47
C LEU C 273 3.58 19.43 8.90
N ALA C 274 4.58 19.07 9.72
CA ALA C 274 4.62 19.55 11.09
C ALA C 274 4.79 21.06 11.13
N LYS C 275 5.58 21.62 10.21
CA LYS C 275 5.74 23.07 10.16
C LYS C 275 4.42 23.76 9.86
N GLY C 276 3.53 23.10 9.11
CA GLY C 276 2.22 23.69 8.85
C GLY C 276 1.30 23.60 10.04
N ILE C 277 1.34 22.47 10.75
CA ILE C 277 0.49 22.32 11.94
C ILE C 277 0.97 23.22 13.06
N ASP C 278 2.30 23.35 13.22
CA ASP C 278 2.83 24.26 14.21
C ASP C 278 2.43 25.70 13.92
N PHE C 279 2.38 26.08 12.63
CA PHE C 279 1.95 27.41 12.27
C PHE C 279 0.49 27.64 12.64
N LEU C 280 -0.36 26.64 12.42
CA LEU C 280 -1.79 26.79 12.69
C LEU C 280 -2.09 26.71 14.18
N LYS C 281 -1.39 25.85 14.91
CA LYS C 281 -1.63 25.74 16.34
C LYS C 281 -1.12 26.97 17.08
N GLU C 282 0.01 27.53 16.65
CA GLU C 282 0.48 28.78 17.23
C GLU C 282 -0.39 29.94 16.82
N ASN C 283 -1.03 29.87 15.64
CA ASN C 283 -1.98 30.89 15.25
C ASN C 283 -3.17 30.92 16.19
N GLU C 284 -3.54 29.77 16.78
CA GLU C 284 -4.62 29.75 17.76
C GLU C 284 -4.18 30.36 19.09
N ASN C 285 -2.98 30.00 19.55
CA ASN C 285 -2.51 30.45 20.86
C ASN C 285 -2.38 31.96 20.93
N ALA C 286 -2.09 32.60 19.79
CA ALA C 286 -1.95 34.04 19.74
C ALA C 286 -3.32 34.72 19.84
N THR D 26 -19.12 9.05 7.95
CA THR D 26 -19.13 10.31 7.22
C THR D 26 -17.71 10.78 6.91
N LYS D 27 -17.14 10.23 5.85
CA LYS D 27 -15.78 10.59 5.46
C LYS D 27 -15.72 12.03 4.96
N THR D 28 -14.51 12.58 4.96
CA THR D 28 -14.27 13.89 4.40
C THR D 28 -14.18 13.80 2.88
N LYS D 29 -15.02 14.57 2.19
CA LYS D 29 -15.06 14.51 0.73
C LYS D 29 -13.82 15.19 0.14
N ILE D 30 -13.19 14.53 -0.82
CA ILE D 30 -12.01 15.05 -1.49
C ILE D 30 -12.45 15.63 -2.83
N MET D 31 -12.30 16.94 -2.99
CA MET D 31 -12.68 17.64 -4.21
C MET D 31 -11.44 17.93 -5.03
N GLY D 32 -11.31 17.26 -6.17
CA GLY D 32 -10.19 17.52 -7.06
C GLY D 32 -10.44 18.72 -7.94
N ILE D 33 -9.34 19.35 -8.37
CA ILE D 33 -9.39 20.56 -9.19
C ILE D 33 -9.12 20.18 -10.64
N LEU D 34 -10.05 20.53 -11.52
CA LEU D 34 -9.92 20.31 -12.96
C LEU D 34 -10.04 21.66 -13.64
N ASN D 35 -8.90 22.27 -13.95
CA ASN D 35 -8.87 23.60 -14.54
C ASN D 35 -8.93 23.51 -16.07
N VAL D 36 -9.85 24.27 -16.66
CA VAL D 36 -9.88 24.45 -18.10
C VAL D 36 -9.19 25.73 -18.53
N THR D 37 -8.85 26.60 -17.59
CA THR D 37 -8.12 27.84 -17.76
C THR D 37 -6.78 27.76 -17.04
N PRO D 38 -5.68 28.30 -17.63
CA PRO D 38 -4.37 28.22 -16.96
C PRO D 38 -4.39 28.61 -15.49
N ASP D 39 -4.09 27.65 -14.61
CA ASP D 39 -4.05 27.88 -13.18
C ASP D 39 -2.61 28.18 -12.78
N SER D 40 -2.41 29.33 -12.12
CA SER D 40 -1.07 29.73 -11.71
C SER D 40 -0.50 28.85 -10.60
N LEU D 41 -1.35 28.06 -9.94
CA LEU D 41 -0.92 27.21 -8.84
C LEU D 41 -0.74 25.76 -9.27
N SER D 42 -0.66 25.50 -10.57
CA SER D 42 -0.53 24.15 -11.09
C SER D 42 0.60 24.08 -12.11
N ASP D 43 1.20 22.89 -12.22
CA ASP D 43 2.27 22.65 -13.18
C ASP D 43 1.89 21.58 -14.20
N GLY D 44 0.62 21.20 -14.27
CA GLY D 44 0.19 20.16 -15.19
C GLY D 44 -0.71 20.65 -16.30
N GLY D 45 -0.56 21.93 -16.69
CA GLY D 45 -1.33 22.47 -17.78
C GLY D 45 -2.80 22.66 -17.44
N LYS D 46 -3.61 22.71 -18.49
CA LYS D 46 -5.05 22.86 -18.37
C LYS D 46 -5.75 21.70 -19.07
N PHE D 47 -7.08 21.66 -18.93
CA PHE D 47 -7.88 20.55 -19.43
C PHE D 47 -9.16 21.05 -20.08
N ASN D 48 -9.03 22.08 -20.94
CA ASN D 48 -10.18 22.51 -21.72
C ASN D 48 -10.48 21.54 -22.85
N ASN D 49 -9.51 20.72 -23.25
CA ASN D 49 -9.74 19.68 -24.24
C ASN D 49 -10.44 18.51 -23.57
N VAL D 50 -11.45 17.96 -24.26
CA VAL D 50 -12.29 16.91 -23.67
C VAL D 50 -11.47 15.65 -23.43
N GLU D 51 -10.61 15.29 -24.39
CA GLU D 51 -9.86 14.05 -24.27
C GLU D 51 -8.92 14.09 -23.07
N SER D 52 -8.25 15.21 -22.83
CA SER D 52 -7.35 15.31 -21.70
C SER D 52 -8.10 15.38 -20.38
N ALA D 53 -9.33 15.92 -20.40
CA ALA D 53 -10.10 16.02 -19.16
C ALA D 53 -10.53 14.64 -18.66
N VAL D 54 -11.05 13.80 -19.55
CA VAL D 54 -11.44 12.45 -19.18
C VAL D 54 -10.24 11.68 -18.63
N THR D 55 -9.06 11.90 -19.22
CA THR D 55 -7.85 11.23 -18.75
C THR D 55 -7.48 11.68 -17.35
N ARG D 56 -7.63 12.98 -17.05
CA ARG D 56 -7.27 13.49 -15.74
C ARG D 56 -8.31 13.12 -14.68
N VAL D 57 -9.59 13.10 -15.06
CA VAL D 57 -10.64 12.77 -14.10
C VAL D 57 -10.47 11.34 -13.61
N LYS D 58 -10.22 10.41 -14.53
CA LYS D 58 -9.98 9.02 -14.13
C LYS D 58 -8.73 8.90 -13.27
N ALA D 59 -7.75 9.77 -13.47
CA ALA D 59 -6.58 9.78 -12.59
C ALA D 59 -6.96 10.29 -11.21
N MET D 60 -7.79 11.35 -11.15
CA MET D 60 -8.21 11.89 -9.86
C MET D 60 -9.09 10.88 -9.11
N MET D 61 -9.96 10.18 -9.83
CA MET D 61 -10.80 9.17 -9.17
C MET D 61 -9.95 8.06 -8.57
N ASP D 62 -8.87 7.67 -9.24
CA ASP D 62 -7.98 6.66 -8.70
C ASP D 62 -7.23 7.18 -7.48
N GLU D 63 -6.89 8.48 -7.48
CA GLU D 63 -6.23 9.07 -6.32
C GLU D 63 -7.16 9.19 -5.12
N GLY D 64 -8.47 9.09 -5.33
CA GLY D 64 -9.41 9.13 -4.24
C GLY D 64 -10.28 10.37 -4.22
N ALA D 65 -10.57 10.92 -5.40
CA ALA D 65 -11.38 12.12 -5.49
C ALA D 65 -12.86 11.75 -5.43
N ASP D 66 -13.60 12.40 -4.53
CA ASP D 66 -15.04 12.21 -4.44
C ASP D 66 -15.80 13.22 -5.29
N ILE D 67 -15.22 14.38 -5.55
CA ILE D 67 -15.85 15.44 -6.33
C ILE D 67 -14.83 15.97 -7.34
N ILE D 68 -15.29 16.28 -8.54
CA ILE D 68 -14.47 16.90 -9.57
C ILE D 68 -14.95 18.34 -9.72
N ASP D 69 -14.04 19.29 -9.52
CA ASP D 69 -14.37 20.71 -9.53
C ASP D 69 -13.87 21.32 -10.85
N VAL D 70 -14.79 21.51 -11.79
CA VAL D 70 -14.45 22.10 -13.08
C VAL D 70 -14.39 23.61 -12.92
N GLY D 71 -13.23 24.19 -13.24
CA GLY D 71 -12.99 25.60 -13.04
C GLY D 71 -13.48 26.45 -14.20
N GLY D 72 -13.32 27.76 -14.03
CA GLY D 72 -13.72 28.72 -15.04
C GLY D 72 -13.23 30.13 -14.75
N VAL D 84 -19.50 34.77 -21.08
CA VAL D 84 -20.87 34.29 -20.97
C VAL D 84 -21.10 33.14 -21.94
N GLU D 85 -21.25 33.46 -23.23
CA GLU D 85 -21.41 32.41 -24.23
C GLU D 85 -20.11 31.62 -24.43
N GLU D 86 -18.96 32.25 -24.19
CA GLU D 86 -17.70 31.54 -24.33
C GLU D 86 -17.44 30.63 -23.14
N GLU D 87 -17.87 31.04 -21.94
CA GLU D 87 -17.71 30.19 -20.77
C GLU D 87 -18.51 28.91 -20.90
N LEU D 88 -19.71 28.98 -21.48
CA LEU D 88 -20.56 27.80 -21.60
C LEU D 88 -19.98 26.79 -22.58
N ASN D 89 -19.49 27.26 -23.73
CA ASN D 89 -18.95 26.37 -24.76
C ASN D 89 -17.63 25.72 -24.34
N ARG D 90 -17.04 26.14 -23.23
CA ARG D 90 -15.79 25.58 -22.75
C ARG D 90 -15.98 24.56 -21.62
N VAL D 91 -16.97 24.77 -20.76
CA VAL D 91 -17.17 23.86 -19.63
C VAL D 91 -18.15 22.73 -19.98
N LEU D 92 -19.12 22.98 -20.86
CA LEU D 92 -20.16 22.00 -21.17
C LEU D 92 -19.61 20.77 -21.90
N PRO D 93 -18.70 20.91 -22.88
CA PRO D 93 -18.12 19.70 -23.48
C PRO D 93 -17.40 18.82 -22.48
N VAL D 94 -16.66 19.40 -21.54
CA VAL D 94 -16.01 18.62 -20.51
C VAL D 94 -17.03 17.98 -19.58
N VAL D 95 -18.11 18.71 -19.27
CA VAL D 95 -19.12 18.22 -18.34
C VAL D 95 -19.80 16.98 -18.90
N GLU D 96 -20.25 17.05 -20.16
CA GLU D 96 -21.01 15.96 -20.75
C GLU D 96 -20.18 14.68 -20.83
N ALA D 97 -18.86 14.80 -20.91
CA ALA D 97 -18.03 13.61 -21.04
C ALA D 97 -17.71 12.97 -19.70
N ILE D 98 -17.71 13.74 -18.61
CA ILE D 98 -17.32 13.23 -17.31
C ILE D 98 -18.49 13.08 -16.34
N VAL D 99 -19.66 13.63 -16.67
CA VAL D 99 -20.80 13.55 -15.75
C VAL D 99 -21.26 12.11 -15.58
N GLY D 100 -21.04 11.26 -16.58
CA GLY D 100 -21.46 9.88 -16.49
C GLY D 100 -20.63 9.04 -15.54
N PHE D 101 -19.43 9.51 -15.18
CA PHE D 101 -18.55 8.76 -14.30
C PHE D 101 -19.16 8.70 -12.89
N ASP D 102 -18.72 7.68 -12.13
CA ASP D 102 -19.20 7.46 -10.77
C ASP D 102 -18.46 8.41 -9.82
N VAL D 103 -18.75 9.70 -9.98
CA VAL D 103 -18.13 10.74 -9.17
C VAL D 103 -19.00 11.99 -9.27
N LYS D 104 -19.10 12.71 -8.16
CA LYS D 104 -19.85 13.97 -8.15
C LYS D 104 -19.09 15.03 -8.94
N ILE D 105 -19.83 15.89 -9.63
CA ILE D 105 -19.26 16.91 -10.49
C ILE D 105 -19.63 18.28 -9.92
N SER D 106 -18.61 19.12 -9.73
CA SER D 106 -18.80 20.51 -9.31
C SER D 106 -18.28 21.45 -10.39
N VAL D 107 -19.00 22.53 -10.63
CA VAL D 107 -18.67 23.49 -11.68
C VAL D 107 -18.50 24.86 -11.04
N ASP D 108 -17.33 25.46 -11.24
CA ASP D 108 -17.05 26.81 -10.74
C ASP D 108 -17.70 27.82 -11.67
N THR D 109 -18.81 28.39 -11.24
CA THR D 109 -19.50 29.40 -12.03
C THR D 109 -20.36 30.27 -11.12
N PHE D 110 -20.48 31.54 -11.49
CA PHE D 110 -21.33 32.49 -10.78
C PHE D 110 -22.41 33.07 -11.70
N ARG D 111 -22.62 32.49 -12.88
CA ARG D 111 -23.66 32.91 -13.80
C ARG D 111 -24.71 31.81 -13.87
N SER D 112 -25.97 32.18 -13.63
CA SER D 112 -27.04 31.18 -13.57
C SER D 112 -27.27 30.53 -14.93
N GLU D 113 -26.93 31.21 -16.02
CA GLU D 113 -27.11 30.63 -17.35
C GLU D 113 -26.18 29.44 -17.54
N VAL D 114 -24.95 29.52 -17.03
CA VAL D 114 -24.02 28.41 -17.16
C VAL D 114 -24.42 27.26 -16.22
N ALA D 115 -24.91 27.60 -15.03
CA ALA D 115 -25.25 26.59 -14.05
C ALA D 115 -26.42 25.71 -14.52
N GLU D 116 -27.45 26.33 -15.10
CA GLU D 116 -28.61 25.57 -15.53
C GLU D 116 -28.26 24.58 -16.63
N ALA D 117 -27.39 25.00 -17.57
CA ALA D 117 -26.97 24.09 -18.62
C ALA D 117 -26.20 22.91 -18.06
N CYS D 118 -25.35 23.14 -17.06
CA CYS D 118 -24.61 22.05 -16.44
C CYS D 118 -25.52 21.19 -15.57
N LEU D 119 -26.43 21.82 -14.83
CA LEU D 119 -27.36 21.06 -14.00
C LEU D 119 -28.30 20.21 -14.85
N LYS D 120 -28.63 20.67 -16.05
CA LYS D 120 -29.48 19.87 -16.92
C LYS D 120 -28.77 18.61 -17.40
N LEU D 121 -27.45 18.70 -17.56
CA LEU D 121 -26.66 17.52 -17.92
C LEU D 121 -26.49 16.57 -16.74
N GLY D 122 -26.53 17.06 -15.51
CA GLY D 122 -26.52 16.18 -14.35
C GLY D 122 -25.40 16.43 -13.36
N VAL D 123 -24.84 17.64 -13.34
CA VAL D 123 -23.84 17.97 -12.33
C VAL D 123 -24.52 18.11 -10.97
N ASP D 124 -23.77 17.86 -9.91
CA ASP D 124 -24.32 17.79 -8.57
C ASP D 124 -24.13 19.08 -7.77
N ILE D 125 -23.06 19.82 -8.01
CA ILE D 125 -22.69 20.96 -7.18
C ILE D 125 -22.39 22.16 -8.07
N ILE D 126 -22.85 23.33 -7.65
CA ILE D 126 -22.52 24.61 -8.28
C ILE D 126 -21.66 25.39 -7.30
N ASN D 127 -20.39 25.58 -7.64
CA ASN D 127 -19.45 26.29 -6.77
C ASN D 127 -19.46 27.76 -7.18
N ASP D 128 -20.34 28.53 -6.55
CA ASP D 128 -20.47 29.96 -6.82
C ASP D 128 -19.42 30.69 -6.01
N GLN D 129 -18.43 31.28 -6.69
CA GLN D 129 -17.38 32.05 -6.02
C GLN D 129 -17.86 33.44 -5.58
N TRP D 130 -19.11 33.80 -5.87
CA TRP D 130 -19.67 35.05 -5.40
C TRP D 130 -20.83 34.85 -4.44
N ALA D 131 -21.14 33.59 -4.08
CA ALA D 131 -22.21 33.27 -3.13
C ALA D 131 -23.55 33.84 -3.58
N GLY D 132 -23.81 33.82 -4.88
CA GLY D 132 -25.06 34.31 -5.42
C GLY D 132 -25.21 35.81 -5.45
N LEU D 133 -24.15 36.56 -5.16
CA LEU D 133 -24.23 38.01 -5.21
C LEU D 133 -24.13 38.54 -6.63
N TYR D 134 -23.46 37.81 -7.53
CA TYR D 134 -23.33 38.28 -8.90
C TYR D 134 -24.64 38.07 -9.67
N ASP D 135 -25.28 36.92 -9.48
CA ASP D 135 -26.53 36.60 -10.16
C ASP D 135 -27.47 35.98 -9.13
N HIS D 136 -28.47 36.76 -8.69
CA HIS D 136 -29.42 36.27 -7.70
C HIS D 136 -30.27 35.12 -8.23
N ARG D 137 -30.36 34.97 -9.56
CA ARG D 137 -31.11 33.86 -10.13
C ARG D 137 -30.46 32.51 -9.86
N MET D 138 -29.23 32.50 -9.34
CA MET D 138 -28.52 31.25 -9.10
C MET D 138 -29.27 30.38 -8.09
N PHE D 139 -29.91 31.00 -7.09
CA PHE D 139 -30.60 30.22 -6.07
C PHE D 139 -31.81 29.50 -6.63
N GLN D 140 -32.54 30.15 -7.54
CA GLN D 140 -33.68 29.50 -8.18
C GLN D 140 -33.23 28.33 -9.05
N VAL D 141 -32.09 28.48 -9.72
CA VAL D 141 -31.62 27.45 -10.63
C VAL D 141 -31.19 26.19 -9.87
N VAL D 142 -30.43 26.36 -8.80
CA VAL D 142 -29.96 25.22 -8.02
C VAL D 142 -31.14 24.52 -7.36
N ALA D 143 -32.11 25.28 -6.88
CA ALA D 143 -33.26 24.68 -6.20
C ALA D 143 -34.17 23.93 -7.17
N LYS D 144 -34.27 24.42 -8.42
CA LYS D 144 -35.14 23.77 -9.38
C LYS D 144 -34.64 22.38 -9.77
N TYR D 145 -33.33 22.15 -9.65
CA TYR D 145 -32.73 20.88 -10.02
C TYR D 145 -32.35 20.03 -8.82
N ASP D 146 -32.78 20.43 -7.62
CA ASP D 146 -32.51 19.67 -6.38
C ASP D 146 -31.02 19.42 -6.21
N ALA D 147 -30.23 20.45 -6.47
CA ALA D 147 -28.77 20.35 -6.46
C ALA D 147 -28.20 21.06 -5.24
N GLU D 148 -26.87 21.02 -5.13
CA GLU D 148 -26.13 21.64 -4.04
C GLU D 148 -25.35 22.84 -4.57
N ILE D 149 -25.06 23.77 -3.67
CA ILE D 149 -24.35 25.00 -4.02
C ILE D 149 -23.33 25.32 -2.93
N VAL D 150 -22.19 25.86 -3.33
CA VAL D 150 -21.15 26.30 -2.42
C VAL D 150 -21.12 27.82 -2.42
N LEU D 151 -21.22 28.41 -1.24
CA LEU D 151 -21.21 29.86 -1.08
C LEU D 151 -19.84 30.26 -0.55
N MET D 152 -19.02 30.82 -1.42
CA MET D 152 -17.66 31.25 -1.07
C MET D 152 -17.65 32.73 -0.72
N HIS D 153 -16.97 33.05 0.39
CA HIS D 153 -16.82 34.45 0.78
C HIS D 153 -15.87 35.16 -0.18
N ASN D 154 -16.27 36.34 -0.65
CA ASN D 154 -15.50 37.08 -1.64
C ASN D 154 -15.72 38.56 -1.41
N GLY D 155 -15.09 39.38 -2.25
CA GLY D 155 -15.20 40.81 -2.18
C GLY D 155 -13.96 41.46 -2.74
N ASN D 156 -13.80 42.75 -2.42
CA ASN D 156 -12.65 43.52 -2.85
C ASN D 156 -11.60 43.70 -1.75
N GLY D 157 -11.90 43.28 -0.53
CA GLY D 157 -11.00 43.45 0.60
C GLY D 157 -11.43 44.50 1.59
N ASN D 158 -12.38 45.37 1.24
CA ASN D 158 -12.87 46.40 2.13
C ASN D 158 -14.01 45.87 3.00
N ARG D 159 -13.97 46.21 4.28
CA ARG D 159 -14.99 45.83 5.23
C ARG D 159 -14.91 46.72 6.46
N ASP D 160 -16.05 46.97 7.09
CA ASP D 160 -16.13 47.80 8.29
C ASP D 160 -16.08 47.00 9.58
N GLU D 161 -16.25 45.68 9.51
CA GLU D 161 -16.21 44.81 10.69
C GLU D 161 -15.03 43.84 10.57
N PRO D 162 -14.62 43.17 11.67
CA PRO D 162 -13.59 42.15 11.55
C PRO D 162 -13.91 41.08 10.50
N VAL D 163 -12.89 40.41 9.97
CA VAL D 163 -13.07 39.55 8.80
C VAL D 163 -14.01 38.39 9.14
N VAL D 164 -13.87 37.81 10.33
CA VAL D 164 -14.71 36.67 10.71
C VAL D 164 -16.16 37.11 10.86
N GLU D 165 -16.38 38.30 11.43
CA GLU D 165 -17.74 38.80 11.58
C GLU D 165 -18.37 39.11 10.23
N GLU D 166 -17.59 39.74 9.33
CA GLU D 166 -18.13 40.09 8.02
C GLU D 166 -18.29 38.86 7.13
N MET D 167 -17.42 37.86 7.29
CA MET D 167 -17.54 36.64 6.49
C MET D 167 -18.80 35.87 6.85
N LEU D 168 -19.01 35.61 8.15
CA LEU D 168 -20.18 34.88 8.58
C LEU D 168 -21.46 35.65 8.26
N THR D 169 -21.44 36.98 8.45
CA THR D 169 -22.62 37.78 8.14
C THR D 169 -23.00 37.67 6.67
N SER D 170 -22.00 37.71 5.78
CA SER D 170 -22.28 37.62 4.34
C SER D 170 -22.72 36.22 3.96
N LEU D 171 -22.08 35.19 4.51
CA LEU D 171 -22.41 33.82 4.14
C LEU D 171 -23.76 33.40 4.69
N LEU D 172 -24.06 33.80 5.93
CA LEU D 172 -25.37 33.46 6.52
C LEU D 172 -26.50 34.18 5.81
N ALA D 173 -26.26 35.40 5.32
CA ALA D 173 -27.29 36.11 4.58
C ALA D 173 -27.54 35.47 3.23
N GLN D 174 -26.48 35.03 2.55
CA GLN D 174 -26.65 34.36 1.27
C GLN D 174 -27.20 32.95 1.44
N ALA D 175 -26.86 32.27 2.54
CA ALA D 175 -27.45 30.98 2.82
C ALA D 175 -28.94 31.12 3.11
N HIS D 176 -29.35 32.24 3.70
CA HIS D 176 -30.76 32.50 3.91
C HIS D 176 -31.49 32.65 2.58
N GLN D 177 -30.84 33.26 1.59
CA GLN D 177 -31.46 33.39 0.27
C GLN D 177 -31.60 32.05 -0.40
N ALA D 178 -30.64 31.14 -0.18
CA ALA D 178 -30.73 29.81 -0.77
C ALA D 178 -31.86 29.01 -0.13
N LYS D 179 -32.06 29.18 1.17
CA LYS D 179 -33.17 28.50 1.84
C LYS D 179 -34.51 29.04 1.37
N ILE D 180 -34.58 30.35 1.11
CA ILE D 180 -35.81 30.94 0.58
C ILE D 180 -36.14 30.35 -0.79
N ALA D 181 -35.12 30.12 -1.61
CA ALA D 181 -35.34 29.50 -2.92
C ALA D 181 -35.75 28.05 -2.81
N GLY D 182 -35.49 27.40 -1.67
CA GLY D 182 -35.91 26.02 -1.44
C GLY D 182 -34.77 25.05 -1.26
N ILE D 183 -33.53 25.50 -1.25
CA ILE D 183 -32.38 24.62 -1.06
C ILE D 183 -32.26 24.26 0.42
N PRO D 184 -32.21 22.98 0.78
CA PRO D 184 -32.06 22.62 2.19
C PRO D 184 -30.67 22.95 2.70
N SER D 185 -30.57 23.00 4.05
CA SER D 185 -29.32 23.42 4.68
C SER D 185 -28.19 22.43 4.43
N ASN D 186 -28.51 21.13 4.37
CA ASN D 186 -27.48 20.12 4.15
C ASN D 186 -26.89 20.18 2.75
N LYS D 187 -27.51 20.91 1.83
CA LYS D 187 -26.99 21.09 0.47
C LYS D 187 -26.45 22.49 0.24
N ILE D 188 -26.32 23.30 1.28
CA ILE D 188 -25.78 24.65 1.19
C ILE D 188 -24.38 24.61 1.81
N TRP D 189 -23.36 24.61 0.95
CA TRP D 189 -21.98 24.59 1.41
C TRP D 189 -21.46 26.00 1.62
N LEU D 190 -20.54 26.14 2.56
CA LEU D 190 -19.91 27.42 2.88
C LEU D 190 -18.41 27.29 2.73
N ASP D 191 -17.81 28.23 1.99
CA ASP D 191 -16.37 28.28 1.76
C ASP D 191 -15.85 29.60 2.30
N PRO D 192 -14.92 29.59 3.28
CA PRO D 192 -14.39 30.86 3.79
C PRO D 192 -13.68 31.69 2.74
N GLY D 193 -13.28 31.10 1.61
CA GLY D 193 -12.68 31.86 0.54
C GLY D 193 -11.28 32.35 0.84
N ILE D 194 -10.40 31.42 1.23
CA ILE D 194 -9.01 31.78 1.45
C ILE D 194 -8.40 32.22 0.13
N GLY D 195 -7.71 33.36 0.14
CA GLY D 195 -7.17 33.93 -1.07
C GLY D 195 -8.08 34.90 -1.79
N PHE D 196 -9.21 35.25 -1.19
CA PHE D 196 -10.17 36.17 -1.81
C PHE D 196 -10.55 37.24 -0.79
N ALA D 197 -10.23 38.50 -1.12
CA ALA D 197 -10.62 39.66 -0.33
C ALA D 197 -10.11 39.59 1.11
N LYS D 198 -8.97 38.95 1.32
CA LYS D 198 -8.39 38.82 2.65
C LYS D 198 -6.88 38.98 2.57
N THR D 199 -6.31 39.60 3.61
CA THR D 199 -4.87 39.60 3.79
C THR D 199 -4.44 38.28 4.43
N ARG D 200 -3.13 38.06 4.48
CA ARG D 200 -2.61 36.84 5.10
C ARG D 200 -2.97 36.77 6.57
N ASN D 201 -3.04 37.93 7.24
CA ASN D 201 -3.43 37.95 8.64
C ASN D 201 -4.92 37.68 8.80
N GLU D 202 -5.74 38.19 7.88
CA GLU D 202 -7.17 37.93 7.94
C GLU D 202 -7.47 36.46 7.66
N GLU D 203 -6.69 35.84 6.77
CA GLU D 203 -6.85 34.41 6.52
C GLU D 203 -6.48 33.59 7.76
N ALA D 204 -5.37 33.96 8.41
CA ALA D 204 -5.00 33.29 9.66
C ALA D 204 -6.05 33.50 10.74
N GLU D 205 -6.71 34.66 10.74
CA GLU D 205 -7.81 34.89 11.67
C GLU D 205 -8.98 33.97 11.37
N VAL D 206 -9.25 33.74 10.08
CA VAL D 206 -10.34 32.84 9.71
C VAL D 206 -9.96 31.40 10.01
N MET D 207 -8.71 31.02 9.73
CA MET D 207 -8.27 29.65 9.98
C MET D 207 -8.25 29.32 11.46
N ALA D 208 -7.94 30.31 12.30
CA ALA D 208 -7.95 30.11 13.75
C ALA D 208 -9.35 30.02 14.33
N ARG D 209 -10.38 30.39 13.57
CA ARG D 209 -11.76 30.37 14.03
C ARG D 209 -12.64 29.64 13.02
N LEU D 210 -12.12 28.56 12.44
CA LEU D 210 -12.91 27.76 11.49
C LEU D 210 -14.10 27.09 12.17
N ASP D 211 -14.00 26.84 13.48
CA ASP D 211 -15.09 26.16 14.17
C ASP D 211 -16.35 27.03 14.24
N GLU D 212 -16.20 28.35 14.21
CA GLU D 212 -17.36 29.22 14.18
C GLU D 212 -18.14 29.05 12.89
N LEU D 213 -17.43 28.92 11.77
CA LEU D 213 -18.10 28.65 10.49
C LEU D 213 -18.70 27.26 10.47
N VAL D 214 -18.01 26.29 11.08
CA VAL D 214 -18.54 24.93 11.16
C VAL D 214 -19.75 24.88 12.08
N ALA D 215 -19.77 25.73 13.12
CA ALA D 215 -20.87 25.72 14.08
C ALA D 215 -22.20 26.10 13.45
N THR D 216 -22.18 26.73 12.26
CA THR D 216 -23.42 27.02 11.54
C THR D 216 -24.10 25.76 11.04
N GLU D 217 -23.42 24.61 11.09
CA GLU D 217 -23.87 23.30 10.62
C GLU D 217 -24.07 23.23 9.12
N TYR D 218 -23.80 24.29 8.38
CA TYR D 218 -23.67 24.17 6.94
C TYR D 218 -22.36 23.45 6.62
N PRO D 219 -22.38 22.50 5.69
CA PRO D 219 -21.13 21.79 5.35
C PRO D 219 -20.09 22.76 4.80
N VAL D 220 -18.91 22.73 5.41
CA VAL D 220 -17.85 23.69 5.12
C VAL D 220 -16.87 23.08 4.14
N LEU D 221 -16.54 23.81 3.08
CA LEU D 221 -15.54 23.42 2.10
C LEU D 221 -14.30 24.28 2.29
N LEU D 222 -13.18 23.64 2.59
CA LEU D 222 -11.91 24.33 2.79
C LEU D 222 -11.11 24.30 1.49
N ALA D 223 -10.68 25.47 1.03
CA ALA D 223 -9.92 25.62 -0.22
C ALA D 223 -8.71 26.50 0.06
N THR D 224 -7.58 25.86 0.39
CA THR D 224 -6.33 26.57 0.65
C THR D 224 -5.17 26.01 -0.18
N SER D 225 -5.44 25.13 -1.14
CA SER D 225 -4.38 24.37 -1.81
C SER D 225 -3.44 25.30 -2.56
N ARG D 226 -2.18 25.32 -2.13
CA ARG D 226 -1.07 26.02 -2.77
C ARG D 226 -1.29 27.53 -2.87
N LYS D 227 -2.23 28.09 -2.12
CA LYS D 227 -2.50 29.51 -2.17
C LYS D 227 -1.45 30.28 -1.37
N ARG D 228 -1.56 31.61 -1.39
CA ARG D 228 -0.57 32.45 -0.72
C ARG D 228 -0.57 32.24 0.79
N PHE D 229 -1.69 31.78 1.36
CA PHE D 229 -1.72 31.50 2.79
C PHE D 229 -0.77 30.36 3.14
N THR D 230 -0.71 29.32 2.30
CA THR D 230 0.23 28.24 2.51
C THR D 230 1.66 28.67 2.26
N LYS D 231 1.87 29.72 1.46
CA LYS D 231 3.22 30.22 1.24
C LYS D 231 3.82 30.79 2.52
N LYS D 232 2.97 31.43 3.35
CA LYS D 232 3.43 31.93 4.64
C LYS D 232 3.64 30.81 5.64
N MET D 233 2.98 29.67 5.46
CA MET D 233 3.18 28.53 6.37
C MET D 233 4.55 27.90 6.17
N MET D 234 5.08 27.94 4.94
CA MET D 234 6.42 27.41 4.71
C MET D 234 7.49 28.31 5.29
N GLY D 235 7.26 29.62 5.31
CA GLY D 235 8.23 30.56 5.83
C GLY D 235 9.10 31.18 4.75
N TYR D 236 9.75 30.33 3.96
CA TYR D 236 10.62 30.77 2.87
C TYR D 236 9.88 30.73 1.53
N ASP D 237 10.51 31.33 0.52
CA ASP D 237 9.90 31.42 -0.79
C ASP D 237 9.84 30.04 -1.44
N THR D 238 8.65 29.66 -1.92
CA THR D 238 8.44 28.37 -2.55
C THR D 238 7.60 28.54 -3.81
N THR D 239 7.60 27.50 -4.63
CA THR D 239 6.72 27.39 -5.78
C THR D 239 5.41 26.72 -5.37
N PRO D 240 4.33 26.88 -6.14
CA PRO D 240 3.05 26.29 -5.73
C PRO D 240 3.10 24.79 -5.46
N VAL D 241 3.79 24.01 -6.30
CA VAL D 241 3.81 22.56 -6.12
C VAL D 241 4.52 22.16 -4.83
N GLU D 242 5.43 22.99 -4.34
CA GLU D 242 6.14 22.69 -3.10
C GLU D 242 5.31 22.94 -1.86
N ARG D 243 4.09 23.44 -2.01
CA ARG D 243 3.20 23.76 -0.90
C ARG D 243 2.16 22.67 -0.65
N ASP D 244 2.38 21.47 -1.17
CA ASP D 244 1.41 20.40 -1.00
C ASP D 244 1.39 19.85 0.42
N GLU D 245 2.54 19.83 1.09
CA GLU D 245 2.58 19.29 2.45
C GLU D 245 1.88 20.21 3.44
N VAL D 246 2.09 21.52 3.33
CA VAL D 246 1.38 22.45 4.20
C VAL D 246 -0.08 22.55 3.80
N THR D 247 -0.40 22.30 2.53
CA THR D 247 -1.79 22.16 2.12
C THR D 247 -2.44 20.99 2.83
N ALA D 248 -1.73 19.86 2.91
CA ALA D 248 -2.24 18.72 3.68
C ALA D 248 -2.36 19.07 5.15
N ALA D 249 -1.46 19.92 5.67
CA ALA D 249 -1.57 20.35 7.06
C ALA D 249 -2.88 21.09 7.30
N THR D 250 -3.29 21.94 6.36
CA THR D 250 -4.59 22.59 6.47
C THR D 250 -5.73 21.59 6.34
N THR D 251 -5.53 20.53 5.56
CA THR D 251 -6.56 19.50 5.44
C THR D 251 -6.78 18.79 6.76
N ALA D 252 -5.70 18.31 7.38
CA ALA D 252 -5.82 17.65 8.67
C ALA D 252 -6.34 18.61 9.73
N TYR D 253 -5.85 19.85 9.72
CA TYR D 253 -6.32 20.84 10.68
C TYR D 253 -7.79 21.17 10.46
N GLY D 254 -8.21 21.28 9.20
CA GLY D 254 -9.60 21.61 8.92
C GLY D 254 -10.55 20.49 9.32
N ILE D 255 -10.17 19.25 9.03
CA ILE D 255 -11.02 18.11 9.38
C ILE D 255 -11.22 18.03 10.89
N MET D 256 -10.15 18.21 11.65
CA MET D 256 -10.26 18.22 13.11
CA MET D 256 -10.28 18.21 13.10
C MET D 256 -11.12 19.37 13.60
N LYS D 257 -11.25 20.43 12.80
CA LYS D 257 -12.13 21.54 13.15
C LYS D 257 -13.57 21.27 12.75
N GLY D 258 -13.79 20.39 11.78
CA GLY D 258 -15.15 19.97 11.45
C GLY D 258 -15.55 20.21 10.00
N VAL D 259 -14.59 20.52 9.13
CA VAL D 259 -14.91 20.71 7.72
C VAL D 259 -15.31 19.38 7.10
N ARG D 260 -16.19 19.45 6.10
CA ARG D 260 -16.73 18.26 5.46
C ARG D 260 -16.08 17.95 4.12
N ALA D 261 -15.37 18.89 3.52
CA ALA D 261 -14.73 18.64 2.23
C ALA D 261 -13.57 19.60 2.06
N VAL D 262 -12.59 19.17 1.28
CA VAL D 262 -11.41 19.97 0.96
C VAL D 262 -11.24 20.01 -0.55
N ARG D 263 -10.80 21.16 -1.06
CA ARG D 263 -10.55 21.36 -2.48
C ARG D 263 -9.05 21.49 -2.69
N VAL D 264 -8.43 20.47 -3.26
CA VAL D 264 -6.97 20.37 -3.34
C VAL D 264 -6.54 20.03 -4.75
N HIS D 265 -5.28 20.32 -5.05
CA HIS D 265 -4.67 19.89 -6.30
C HIS D 265 -4.17 18.45 -6.20
N ASN D 266 -3.30 18.18 -5.23
CA ASN D 266 -2.78 16.84 -5.00
C ASN D 266 -3.88 16.02 -4.34
N VAL D 267 -4.58 15.22 -5.14
CA VAL D 267 -5.71 14.45 -4.63
C VAL D 267 -5.22 13.31 -3.76
N GLU D 268 -4.20 12.57 -4.22
CA GLU D 268 -3.78 11.36 -3.53
C GLU D 268 -3.21 11.68 -2.15
N LEU D 269 -2.41 12.74 -2.03
CA LEU D 269 -1.80 13.07 -0.76
C LEU D 269 -2.86 13.46 0.27
N ASN D 270 -3.82 14.30 -0.13
CA ASN D 270 -4.86 14.72 0.80
C ASN D 270 -5.87 13.61 1.06
N ALA D 271 -6.14 12.76 0.07
CA ALA D 271 -7.12 11.69 0.26
C ALA D 271 -6.62 10.66 1.28
N LYS D 272 -5.34 10.28 1.18
CA LYS D 272 -4.80 9.32 2.13
C LYS D 272 -4.64 9.94 3.51
N LEU D 273 -4.26 11.22 3.57
CA LEU D 273 -4.13 11.89 4.85
C LEU D 273 -5.49 12.11 5.50
N ALA D 274 -6.49 12.50 4.71
CA ALA D 274 -7.83 12.68 5.26
C ALA D 274 -8.39 11.37 5.80
N LYS D 275 -8.13 10.26 5.11
CA LYS D 275 -8.57 8.96 5.59
C LYS D 275 -7.93 8.63 6.93
N GLY D 276 -6.68 9.03 7.13
CA GLY D 276 -6.02 8.80 8.40
C GLY D 276 -6.59 9.69 9.50
N ILE D 277 -6.87 10.95 9.18
CA ILE D 277 -7.44 11.86 10.17
C ILE D 277 -8.87 11.47 10.51
N ASP D 278 -9.65 11.08 9.49
CA ASP D 278 -11.01 10.60 9.75
C ASP D 278 -11.00 9.36 10.63
N PHE D 279 -10.02 8.46 10.41
CA PHE D 279 -9.89 7.29 11.26
C PHE D 279 -9.57 7.70 12.69
N LEU D 280 -8.58 8.57 12.87
CA LEU D 280 -8.18 8.99 14.21
C LEU D 280 -9.26 9.82 14.89
N LYS D 281 -10.03 10.59 14.11
CA LYS D 281 -11.10 11.39 14.70
C LYS D 281 -12.28 10.52 15.13
N GLU D 282 -12.63 9.51 14.32
CA GLU D 282 -13.67 8.59 14.71
C GLU D 282 -13.22 7.69 15.87
N ASN D 283 -11.95 7.30 15.87
CA ASN D 283 -11.45 6.46 16.96
C ASN D 283 -11.47 7.20 18.29
N GLU D 284 -11.28 8.52 18.26
CA GLU D 284 -11.35 9.31 19.50
C GLU D 284 -12.79 9.48 19.97
N ASN D 285 -13.70 9.79 19.05
CA ASN D 285 -15.09 10.01 19.44
C ASN D 285 -15.74 8.72 19.94
N ALA D 286 -15.36 7.57 19.38
CA ALA D 286 -15.94 6.31 19.82
C ALA D 286 -15.42 5.91 21.20
N ARG D 287 -14.23 6.36 21.57
CA ARG D 287 -13.65 6.02 22.85
C ARG D 287 -13.63 7.20 23.81
#